data_7MGV
#
_entry.id   7MGV
#
_cell.length_a   64.258
_cell.length_b   80.990
_cell.length_c   149.579
_cell.angle_alpha   90.000
_cell.angle_beta   90.000
_cell.angle_gamma   90.000
#
_symmetry.space_group_name_H-M   'P 21 21 21'
#
loop_
_entity.id
_entity.type
_entity.pdbx_description
1 polymer CdnC
2 polymer 'CdnA3 Leader peptide'
3 polymer 'CdnA3 Core peptide'
4 non-polymer "ADENOSINE-5'-DIPHOSPHATE"
5 non-polymer GLYCEROL
6 water water
#
loop_
_entity_poly.entity_id
_entity_poly.type
_entity_poly.pdbx_seq_one_letter_code
_entity_poly.pdbx_strand_id
1 'polypeptide(L)'
;MGSSHHHHHHSSGLVPRGSHMNKILIITHTADNFSIDKVTEYIDKNGCEVIRFNVDEYPLKNKLSTTFQDGKWTTTLETP
EKKNSLEDISTVWYRRAYNIGHGIKEELDAKFYGAAMGEIRNTLFGFLESIDAYSLGKPSVYRRLDSKEEQLKIADKIGF
KIPATCVTNNPEEAKRFIVKHRDVVAKMQTGFAIYEDGVENVVFTNVVNEDKLEELDTLLYCPMQFQKKIEKKKELRITV
VGRDVYAFEIDSQQSEAAKTDWRKDGINLIDKWIPTELPQDIEFMILELLDVYHVDYGAIDMIVSPEDEYYFIEINAAGE
FFWLDNLTEENRISKSIADLLCDKAPRRDNRVLVEQPIEK
;
A,B
2 'polypeptide(L)' KEPFFAAFLEKQ V,U
3 'polypeptide(L)' TLKYPSDSDEG T
#
# COMPACT_ATOMS: atom_id res chain seq x y z
N MET A 21 16.30 -28.71 -3.49
CA MET A 21 17.34 -27.72 -3.72
C MET A 21 16.75 -26.32 -3.89
N ASN A 22 15.67 -26.22 -4.66
CA ASN A 22 15.01 -24.95 -4.86
C ASN A 22 14.30 -24.52 -3.57
N LYS A 23 14.58 -23.30 -3.12
CA LYS A 23 14.05 -22.78 -1.87
C LYS A 23 12.85 -21.88 -2.12
N ILE A 24 11.82 -22.06 -1.31
CA ILE A 24 10.57 -21.33 -1.44
C ILE A 24 10.26 -20.67 -0.10
N LEU A 25 10.31 -19.34 -0.06
CA LEU A 25 9.99 -18.61 1.15
C LEU A 25 8.47 -18.46 1.29
N ILE A 26 7.96 -18.77 2.48
CA ILE A 26 6.54 -18.65 2.78
C ILE A 26 6.39 -17.76 4.01
N ILE A 27 5.58 -16.71 3.88
CA ILE A 27 5.30 -15.78 4.97
C ILE A 27 3.95 -16.15 5.57
N THR A 28 3.94 -16.42 6.87
CA THR A 28 2.72 -16.78 7.59
C THR A 28 2.83 -16.25 9.01
N HIS A 29 1.96 -16.74 9.90
CA HIS A 29 2.05 -16.50 11.33
C HIS A 29 1.93 -17.84 12.05
N THR A 30 2.19 -17.81 13.36
CA THR A 30 2.29 -19.05 14.12
C THR A 30 0.96 -19.80 14.19
N ALA A 31 -0.16 -19.07 14.24
CA ALA A 31 -1.44 -19.75 14.40
C ALA A 31 -1.86 -20.47 13.12
N ASP A 32 -1.45 -19.98 11.95
CA ASP A 32 -1.73 -20.65 10.68
C ASP A 32 -0.63 -21.68 10.45
N ASN A 33 -0.96 -22.94 10.71
CA ASN A 33 -0.09 -24.06 10.41
C ASN A 33 -0.81 -25.16 9.64
N PHE A 34 -2.06 -24.94 9.26
CA PHE A 34 -2.94 -26.01 8.81
C PHE A 34 -3.12 -26.00 7.30
N SER A 35 -3.52 -24.86 6.74
CA SER A 35 -3.59 -24.74 5.29
C SER A 35 -2.21 -24.83 4.66
N ILE A 36 -1.19 -24.30 5.34
CA ILE A 36 0.17 -24.36 4.83
C ILE A 36 0.73 -25.77 4.89
N ASP A 37 0.14 -26.66 5.69
CA ASP A 37 0.71 -28.00 5.88
C ASP A 37 0.63 -28.82 4.58
N LYS A 38 -0.54 -28.83 3.94
CA LYS A 38 -0.67 -29.61 2.71
C LYS A 38 0.11 -28.98 1.57
N VAL A 39 0.16 -27.66 1.51
CA VAL A 39 0.98 -26.98 0.51
C VAL A 39 2.45 -27.35 0.69
N THR A 40 2.92 -27.38 1.95
CA THR A 40 4.30 -27.74 2.23
C THR A 40 4.57 -29.20 1.87
N GLU A 41 3.61 -30.09 2.14
CA GLU A 41 3.77 -31.49 1.76
C GLU A 41 3.90 -31.64 0.25
N TYR A 42 3.05 -30.95 -0.50
CA TYR A 42 3.09 -31.07 -1.95
C TYR A 42 4.33 -30.39 -2.53
N ILE A 43 4.85 -29.36 -1.87
CA ILE A 43 6.11 -28.76 -2.30
C ILE A 43 7.27 -29.72 -2.02
N ASP A 44 7.23 -30.40 -0.87
CA ASP A 44 8.26 -31.40 -0.55
C ASP A 44 8.29 -32.50 -1.59
N LYS A 45 7.10 -33.00 -1.97
CA LYS A 45 7.04 -34.00 -3.02
C LYS A 45 7.53 -33.42 -4.35
N ASN A 46 7.19 -32.17 -4.64
CA ASN A 46 7.66 -31.53 -5.87
C ASN A 46 9.17 -31.40 -5.94
N GLY A 47 9.87 -31.61 -4.82
CA GLY A 47 11.31 -31.57 -4.81
C GLY A 47 11.92 -30.23 -4.45
N CYS A 48 11.19 -29.38 -3.74
CA CYS A 48 11.69 -28.06 -3.35
C CYS A 48 11.68 -27.95 -1.82
N GLU A 49 12.46 -26.99 -1.34
CA GLU A 49 12.58 -26.73 0.09
C GLU A 49 11.70 -25.54 0.48
N VAL A 50 11.06 -25.65 1.64
CA VAL A 50 10.19 -24.61 2.17
C VAL A 50 10.91 -23.92 3.33
N ILE A 51 10.98 -22.60 3.28
CA ILE A 51 11.50 -21.79 4.37
C ILE A 51 10.34 -21.02 4.97
N ARG A 52 10.04 -21.29 6.24
CA ARG A 52 8.90 -20.70 6.92
C ARG A 52 9.35 -19.46 7.69
N PHE A 53 8.80 -18.31 7.32
CA PHE A 53 9.05 -17.05 8.01
C PHE A 53 7.75 -16.64 8.68
N ASN A 54 7.62 -16.95 9.96
CA ASN A 54 6.42 -16.61 10.72
C ASN A 54 6.52 -15.15 11.15
N VAL A 55 5.54 -14.36 10.73
CA VAL A 55 5.69 -12.90 10.74
C VAL A 55 5.40 -12.29 12.10
N ASP A 56 4.61 -12.94 12.94
CA ASP A 56 4.36 -12.43 14.28
C ASP A 56 5.59 -12.54 15.17
N GLU A 57 6.51 -13.44 14.84
CA GLU A 57 7.73 -13.63 15.62
C GLU A 57 8.84 -12.67 15.23
N TYR A 58 8.58 -11.73 14.31
CA TYR A 58 9.54 -10.69 13.95
C TYR A 58 9.16 -9.39 14.63
N PRO A 59 10.10 -8.66 15.25
CA PRO A 59 11.54 -8.93 15.27
C PRO A 59 12.00 -9.67 16.53
N LEU A 60 11.06 -10.11 17.36
CA LEU A 60 11.42 -10.67 18.66
C LEU A 60 12.12 -12.02 18.51
N LYS A 61 11.47 -12.99 17.87
CA LYS A 61 11.95 -14.36 17.86
C LYS A 61 12.69 -14.75 16.58
N ASN A 62 12.55 -13.98 15.51
CA ASN A 62 13.39 -14.15 14.32
C ASN A 62 14.34 -12.97 14.17
N LYS A 63 15.43 -13.21 13.44
CA LYS A 63 16.38 -12.15 13.11
C LYS A 63 16.62 -12.16 11.60
N LEU A 64 16.38 -11.02 10.96
CA LEU A 64 16.47 -10.90 9.52
C LEU A 64 17.51 -9.84 9.15
N SER A 65 18.31 -10.11 8.12
CA SER A 65 19.34 -9.15 7.74
C SER A 65 19.59 -9.21 6.24
N THR A 66 19.51 -8.05 5.58
CA THR A 66 19.97 -7.88 4.21
C THR A 66 21.20 -7.00 4.20
N THR A 67 22.25 -7.45 3.52
CA THR A 67 23.52 -6.76 3.47
C THR A 67 23.99 -6.64 2.02
N PHE A 68 24.63 -5.52 1.71
CA PHE A 68 25.27 -5.31 0.42
C PHE A 68 26.74 -5.02 0.67
N GLN A 69 27.59 -6.01 0.39
CA GLN A 69 29.02 -5.90 0.63
C GLN A 69 29.79 -6.38 -0.60
N ASP A 70 30.82 -5.62 -0.98
CA ASP A 70 31.70 -5.97 -2.08
C ASP A 70 30.91 -6.28 -3.35
N GLY A 71 29.87 -5.48 -3.60
CA GLY A 71 29.08 -5.66 -4.79
C GLY A 71 28.18 -6.87 -4.80
N LYS A 72 27.91 -7.46 -3.64
CA LYS A 72 27.07 -8.65 -3.55
C LYS A 72 26.00 -8.47 -2.47
N TRP A 73 24.83 -9.02 -2.75
CA TRP A 73 23.69 -8.96 -1.83
C TRP A 73 23.57 -10.28 -1.09
N THR A 74 23.25 -10.20 0.20
CA THR A 74 23.05 -11.41 1.00
C THR A 74 21.95 -11.17 2.02
N THR A 75 20.98 -12.07 2.07
CA THR A 75 19.84 -11.96 2.99
C THR A 75 19.76 -13.25 3.81
N THR A 76 19.87 -13.12 5.13
CA THR A 76 19.82 -14.28 6.01
C THR A 76 18.74 -14.11 7.06
N LEU A 77 18.09 -15.23 7.38
CA LEU A 77 16.96 -15.32 8.30
C LEU A 77 17.28 -16.37 9.36
N GLU A 78 17.20 -15.99 10.63
CA GLU A 78 17.50 -16.86 11.76
C GLU A 78 16.22 -17.09 12.56
N THR A 79 15.79 -18.35 12.59
CA THR A 79 14.58 -18.87 13.20
C THR A 79 14.93 -19.74 14.40
N PRO A 80 14.03 -19.89 15.37
CA PRO A 80 14.21 -20.93 16.39
C PRO A 80 14.40 -22.32 15.82
N GLU A 81 13.90 -22.58 14.61
CA GLU A 81 14.01 -23.90 13.99
C GLU A 81 15.24 -24.01 13.09
N LYS A 82 15.41 -23.09 12.14
CA LYS A 82 16.46 -23.19 11.14
C LYS A 82 17.16 -21.84 10.98
N LYS A 83 18.30 -21.88 10.32
CA LYS A 83 19.00 -20.68 9.86
C LYS A 83 19.19 -20.81 8.35
N ASN A 84 18.70 -19.82 7.60
CA ASN A 84 18.66 -19.90 6.15
C ASN A 84 19.19 -18.62 5.54
N SER A 85 19.56 -18.70 4.27
CA SER A 85 19.88 -17.54 3.45
C SER A 85 18.83 -17.39 2.37
N LEU A 86 18.35 -16.16 2.15
CA LEU A 86 17.17 -15.94 1.33
C LEU A 86 17.43 -15.22 0.01
N GLU A 87 18.64 -14.69 -0.21
CA GLU A 87 18.91 -13.95 -1.43
C GLU A 87 18.85 -14.82 -2.68
N ASP A 88 18.74 -16.14 -2.52
CA ASP A 88 18.71 -17.06 -3.66
C ASP A 88 17.44 -17.91 -3.66
N ILE A 89 16.36 -17.40 -3.06
CA ILE A 89 15.09 -18.13 -3.09
C ILE A 89 14.56 -18.17 -4.52
N SER A 90 13.87 -19.25 -4.86
CA SER A 90 13.30 -19.38 -6.18
C SER A 90 12.01 -18.57 -6.32
N THR A 91 11.10 -18.69 -5.34
CA THR A 91 9.91 -17.87 -5.27
C THR A 91 9.63 -17.51 -3.82
N VAL A 92 8.69 -16.59 -3.64
CA VAL A 92 8.18 -16.23 -2.31
C VAL A 92 6.67 -16.29 -2.37
N TRP A 93 6.05 -16.76 -1.29
CA TRP A 93 4.60 -16.77 -1.13
C TRP A 93 4.29 -15.93 0.11
N TYR A 94 3.84 -14.71 -0.10
CA TYR A 94 3.51 -13.79 0.98
C TYR A 94 2.01 -13.85 1.23
N ARG A 95 1.61 -14.62 2.25
CA ARG A 95 0.26 -14.54 2.75
C ARG A 95 0.15 -13.30 3.65
N ARG A 96 -0.82 -12.44 3.34
CA ARG A 96 -0.84 -11.09 3.91
C ARG A 96 -0.79 -11.13 5.44
N ALA A 97 0.10 -10.31 5.99
CA ALA A 97 0.30 -10.27 7.44
C ALA A 97 -0.71 -9.34 8.10
N TYR A 98 -1.26 -9.79 9.22
CA TYR A 98 -2.17 -8.99 10.02
C TYR A 98 -1.68 -8.75 11.44
N ASN A 99 -0.61 -9.43 11.86
CA ASN A 99 -0.10 -9.27 13.22
C ASN A 99 1.41 -9.48 13.18
N ILE A 100 2.16 -8.38 13.17
CA ILE A 100 3.61 -8.43 13.25
C ILE A 100 4.04 -7.77 14.56
N GLY A 101 5.28 -8.03 14.95
CA GLY A 101 5.82 -7.44 16.16
C GLY A 101 5.13 -7.88 17.43
N HIS A 102 4.82 -9.17 17.56
CA HIS A 102 4.20 -9.67 18.78
C HIS A 102 5.19 -9.60 19.93
N GLY A 103 4.76 -9.02 21.04
CA GLY A 103 5.58 -8.88 22.21
C GLY A 103 6.32 -7.57 22.33
N ILE A 104 6.40 -6.79 21.24
CA ILE A 104 7.13 -5.51 21.27
C ILE A 104 6.46 -4.53 22.22
N LYS A 105 5.13 -4.62 22.37
CA LYS A 105 4.42 -3.67 23.22
C LYS A 105 4.85 -3.80 24.67
N GLU A 106 5.09 -5.03 25.14
CA GLU A 106 5.50 -5.25 26.52
C GLU A 106 6.96 -4.90 26.76
N GLU A 107 7.80 -4.88 25.72
CA GLU A 107 9.23 -4.67 25.89
C GLU A 107 9.64 -3.21 25.81
N LEU A 108 8.92 -2.40 25.04
CA LEU A 108 9.33 -1.02 24.78
C LEU A 108 8.44 -0.04 25.54
N ASP A 109 9.02 1.11 25.88
CA ASP A 109 8.26 2.18 26.50
C ASP A 109 7.18 2.69 25.55
N ALA A 110 6.15 3.30 26.13
CA ALA A 110 4.99 3.72 25.34
C ALA A 110 5.37 4.76 24.29
N LYS A 111 6.27 5.69 24.65
CA LYS A 111 6.61 6.77 23.73
C LYS A 111 7.29 6.27 22.46
N PHE A 112 7.86 5.07 22.47
CA PHE A 112 8.58 4.54 21.30
C PHE A 112 7.77 3.54 20.51
N TYR A 113 6.59 3.14 20.98
CA TYR A 113 5.92 1.96 20.43
C TYR A 113 5.44 2.20 19.00
N GLY A 114 4.76 3.32 18.76
CA GLY A 114 4.24 3.58 17.43
C GLY A 114 5.34 3.69 16.39
N ALA A 115 6.38 4.46 16.70
CA ALA A 115 7.50 4.62 15.77
C ALA A 115 8.22 3.30 15.54
N ALA A 116 8.40 2.51 16.60
CA ALA A 116 9.11 1.24 16.45
C ALA A 116 8.32 0.26 15.60
N MET A 117 7.01 0.18 15.81
CA MET A 117 6.19 -0.70 14.98
C MET A 117 6.15 -0.21 13.54
N GLY A 118 6.13 1.11 13.34
CA GLY A 118 6.22 1.65 11.99
C GLY A 118 7.51 1.22 11.30
N GLU A 119 8.64 1.36 11.99
CA GLU A 119 9.91 0.98 11.39
C GLU A 119 9.98 -0.52 11.14
N ILE A 120 9.47 -1.33 12.08
CA ILE A 120 9.46 -2.78 11.90
C ILE A 120 8.66 -3.16 10.66
N ARG A 121 7.43 -2.64 10.57
CA ARG A 121 6.57 -2.95 9.43
C ARG A 121 7.20 -2.50 8.12
N ASN A 122 7.80 -1.30 8.12
CA ASN A 122 8.37 -0.80 6.88
C ASN A 122 9.59 -1.62 6.47
N THR A 123 10.44 -2.00 7.41
CA THR A 123 11.60 -2.83 7.09
C THR A 123 11.17 -4.16 6.50
N LEU A 124 10.18 -4.81 7.14
CA LEU A 124 9.78 -6.14 6.67
C LEU A 124 9.04 -6.07 5.34
N PHE A 125 8.09 -5.15 5.21
CA PHE A 125 7.40 -4.97 3.94
C PHE A 125 8.36 -4.54 2.84
N GLY A 126 9.41 -3.79 3.19
CA GLY A 126 10.39 -3.40 2.19
C GLY A 126 11.21 -4.57 1.71
N PHE A 127 11.61 -5.44 2.63
CA PHE A 127 12.25 -6.69 2.22
C PHE A 127 11.34 -7.48 1.28
N LEU A 128 10.07 -7.64 1.67
CA LEU A 128 9.15 -8.43 0.86
C LEU A 128 8.95 -7.81 -0.52
N GLU A 129 8.96 -6.47 -0.61
CA GLU A 129 8.90 -5.82 -1.92
C GLU A 129 10.18 -6.06 -2.72
N SER A 130 11.33 -6.00 -2.06
CA SER A 130 12.61 -6.06 -2.76
C SER A 130 12.87 -7.41 -3.43
N ILE A 131 12.17 -8.47 -3.00
CA ILE A 131 12.38 -9.78 -3.61
C ILE A 131 12.06 -9.71 -5.08
N ASP A 132 13.05 -10.01 -5.93
CA ASP A 132 12.88 -9.98 -7.37
C ASP A 132 12.55 -11.35 -7.96
N ALA A 133 12.64 -12.42 -7.17
CA ALA A 133 12.14 -13.70 -7.61
C ALA A 133 10.62 -13.66 -7.71
N TYR A 134 10.05 -14.64 -8.41
CA TYR A 134 8.61 -14.71 -8.58
C TYR A 134 7.91 -14.65 -7.23
N SER A 135 6.83 -13.86 -7.17
CA SER A 135 6.14 -13.59 -5.92
C SER A 135 4.66 -13.90 -6.06
N LEU A 136 4.12 -14.65 -5.10
CA LEU A 136 2.68 -14.84 -4.98
C LEU A 136 2.22 -13.97 -3.80
N GLY A 137 1.99 -12.70 -4.10
CA GLY A 137 1.63 -11.74 -3.07
C GLY A 137 2.78 -10.79 -2.77
N LYS A 138 2.47 -9.49 -2.69
CA LYS A 138 3.44 -8.46 -2.35
C LYS A 138 2.71 -7.31 -1.72
N PRO A 139 3.36 -6.54 -0.82
CA PRO A 139 2.65 -5.48 -0.10
C PRO A 139 1.98 -4.46 -1.00
N SER A 140 2.66 -3.98 -2.05
CA SER A 140 2.05 -2.99 -2.93
C SER A 140 0.86 -3.58 -3.69
N VAL A 141 0.95 -4.85 -4.06
CA VAL A 141 -0.16 -5.50 -4.76
C VAL A 141 -1.37 -5.64 -3.84
N TYR A 142 -1.14 -6.07 -2.60
CA TYR A 142 -2.23 -6.15 -1.64
C TYR A 142 -2.83 -4.77 -1.36
N ARG A 143 -1.98 -3.74 -1.34
CA ARG A 143 -2.48 -2.39 -1.13
C ARG A 143 -3.32 -1.93 -2.31
N ARG A 144 -2.92 -2.29 -3.54
CA ARG A 144 -3.73 -1.97 -4.70
C ARG A 144 -5.08 -2.68 -4.64
N LEU A 145 -5.09 -3.93 -4.19
CA LEU A 145 -6.34 -4.69 -4.13
C LEU A 145 -7.25 -4.21 -3.01
N ASP A 146 -6.77 -3.37 -2.10
CA ASP A 146 -7.65 -2.81 -1.06
C ASP A 146 -8.70 -1.86 -1.62
N SER A 147 -8.52 -1.40 -2.86
CA SER A 147 -9.44 -0.46 -3.51
C SER A 147 -10.59 -1.27 -4.11
N LYS A 148 -11.69 -1.39 -3.36
CA LYS A 148 -12.86 -2.09 -3.88
C LYS A 148 -13.48 -1.34 -5.06
N GLU A 149 -13.36 -0.01 -5.07
CA GLU A 149 -13.86 0.77 -6.19
C GLU A 149 -13.16 0.37 -7.49
N GLU A 150 -11.84 0.18 -7.44
CA GLU A 150 -11.12 -0.24 -8.64
C GLU A 150 -11.52 -1.67 -9.03
N GLN A 151 -11.77 -2.54 -8.04
CA GLN A 151 -12.26 -3.88 -8.35
C GLN A 151 -13.55 -3.80 -9.16
N LEU A 152 -14.51 -2.99 -8.68
CA LEU A 152 -15.79 -2.90 -9.38
C LEU A 152 -15.62 -2.28 -10.76
N LYS A 153 -14.81 -1.24 -10.88
CA LYS A 153 -14.61 -0.59 -12.17
C LYS A 153 -13.96 -1.54 -13.17
N ILE A 154 -12.92 -2.26 -12.74
CA ILE A 154 -12.23 -3.19 -13.63
C ILE A 154 -13.16 -4.33 -14.03
N ALA A 155 -13.93 -4.87 -13.07
CA ALA A 155 -14.85 -5.95 -13.40
C ALA A 155 -15.90 -5.49 -14.38
N ASP A 156 -16.40 -4.26 -14.23
CA ASP A 156 -17.34 -3.73 -15.20
C ASP A 156 -16.69 -3.58 -16.58
N LYS A 157 -15.43 -3.14 -16.62
CA LYS A 157 -14.75 -3.00 -17.91
C LYS A 157 -14.55 -4.34 -18.59
N ILE A 158 -14.26 -5.39 -17.82
CA ILE A 158 -14.02 -6.70 -18.42
C ILE A 158 -15.30 -7.26 -19.02
N GLY A 159 -16.45 -6.87 -18.50
CA GLY A 159 -17.73 -7.41 -18.95
C GLY A 159 -18.55 -8.04 -17.84
N PHE A 160 -18.02 -8.12 -16.63
CA PHE A 160 -18.80 -8.60 -15.49
C PHE A 160 -20.00 -7.69 -15.28
N LYS A 161 -21.13 -8.30 -14.90
CA LYS A 161 -22.24 -7.53 -14.36
C LYS A 161 -21.98 -7.29 -12.87
N ILE A 162 -22.09 -6.04 -12.45
CA ILE A 162 -21.89 -5.68 -11.05
C ILE A 162 -23.16 -5.02 -10.54
N PRO A 163 -23.46 -5.07 -9.24
CA PRO A 163 -24.66 -4.40 -8.74
C PRO A 163 -24.52 -2.89 -8.86
N ALA A 164 -25.67 -2.23 -8.95
CA ALA A 164 -25.67 -0.77 -8.79
C ALA A 164 -25.01 -0.41 -7.48
N THR A 165 -24.14 0.59 -7.51
CA THR A 165 -23.28 0.88 -6.37
C THR A 165 -23.17 2.38 -6.17
N CYS A 166 -23.12 2.81 -4.91
CA CYS A 166 -22.92 4.20 -4.55
C CYS A 166 -22.04 4.24 -3.29
N VAL A 167 -20.77 4.58 -3.45
CA VAL A 167 -19.88 4.80 -2.32
C VAL A 167 -19.90 6.28 -1.99
N THR A 168 -20.37 6.63 -0.81
CA THR A 168 -20.61 8.04 -0.57
C THR A 168 -20.58 8.39 0.91
N ASN A 169 -20.34 9.68 1.16
CA ASN A 169 -20.58 10.31 2.45
C ASN A 169 -21.64 11.41 2.34
N ASN A 170 -22.38 11.43 1.23
CA ASN A 170 -23.38 12.46 0.96
C ASN A 170 -24.75 11.92 1.31
N PRO A 171 -25.40 12.41 2.38
CA PRO A 171 -26.72 11.87 2.73
C PRO A 171 -27.76 11.98 1.64
N GLU A 172 -27.78 13.10 0.91
CA GLU A 172 -28.78 13.27 -0.14
C GLU A 172 -28.53 12.32 -1.31
N GLU A 173 -27.27 12.13 -1.68
CA GLU A 173 -26.93 11.20 -2.76
C GLU A 173 -27.35 9.78 -2.39
N ALA A 174 -27.04 9.36 -1.16
CA ALA A 174 -27.42 8.04 -0.71
C ALA A 174 -28.94 7.88 -0.68
N LYS A 175 -29.64 8.91 -0.20
CA LYS A 175 -31.10 8.81 -0.15
C LYS A 175 -31.70 8.71 -1.53
N ARG A 176 -31.20 9.51 -2.49
CA ARG A 176 -31.66 9.41 -3.86
C ARG A 176 -31.41 8.01 -4.43
N PHE A 177 -30.21 7.48 -4.18
CA PHE A 177 -29.88 6.12 -4.66
C PHE A 177 -30.82 5.09 -4.06
N ILE A 178 -31.11 5.20 -2.76
CA ILE A 178 -31.94 4.21 -2.08
C ILE A 178 -33.38 4.27 -2.58
N VAL A 179 -33.93 5.48 -2.72
CA VAL A 179 -35.30 5.58 -3.22
C VAL A 179 -35.36 5.17 -4.68
N LYS A 180 -34.27 5.31 -5.42
CA LYS A 180 -34.28 4.86 -6.81
C LYS A 180 -34.28 3.34 -6.90
N HIS A 181 -33.39 2.67 -6.17
CA HIS A 181 -33.24 1.23 -6.34
C HIS A 181 -34.12 0.42 -5.39
N ARG A 182 -34.58 1.02 -4.28
CA ARG A 182 -35.68 0.53 -3.48
C ARG A 182 -35.34 -0.72 -2.67
N ASP A 183 -34.22 -1.36 -2.98
CA ASP A 183 -33.79 -2.54 -2.23
C ASP A 183 -32.27 -2.48 -2.17
N VAL A 184 -31.76 -1.86 -1.11
CA VAL A 184 -30.34 -1.50 -1.03
C VAL A 184 -29.77 -2.08 0.25
N VAL A 185 -28.63 -2.74 0.14
CA VAL A 185 -27.82 -3.13 1.27
C VAL A 185 -26.73 -2.10 1.45
N ALA A 186 -26.24 -1.97 2.68
CA ALA A 186 -25.17 -1.05 3.01
C ALA A 186 -24.05 -1.83 3.68
N LYS A 187 -22.82 -1.67 3.18
CA LYS A 187 -21.68 -2.34 3.75
C LYS A 187 -20.52 -1.37 3.89
N MET A 188 -19.66 -1.66 4.85
CA MET A 188 -18.39 -0.97 4.96
C MET A 188 -17.35 -1.67 4.11
N GLN A 189 -16.35 -0.92 3.66
CA GLN A 189 -15.19 -1.52 3.02
C GLN A 189 -14.26 -2.15 4.05
N THR A 190 -14.37 -1.76 5.32
CA THR A 190 -13.63 -2.35 6.43
C THR A 190 -14.59 -2.53 7.59
N GLY A 191 -14.62 -3.73 8.18
CA GLY A 191 -15.61 -4.07 9.18
C GLY A 191 -15.44 -3.31 10.48
N PHE A 192 -16.24 -3.72 11.47
CA PHE A 192 -16.22 -3.13 12.80
C PHE A 192 -16.90 -4.07 13.78
N ALA A 193 -16.35 -4.16 15.00
CA ALA A 193 -16.93 -4.97 16.05
C ALA A 193 -16.59 -4.35 17.40
N ILE A 194 -17.45 -4.60 18.39
CA ILE A 194 -17.29 -3.99 19.71
C ILE A 194 -18.05 -4.82 20.73
N TYR A 195 -17.45 -5.02 21.90
CA TYR A 195 -18.10 -5.73 22.99
C TYR A 195 -18.86 -4.73 23.85
N GLU A 196 -20.19 -4.81 23.83
CA GLU A 196 -21.02 -3.90 24.59
C GLU A 196 -22.22 -4.65 25.15
N ASP A 197 -22.78 -4.11 26.23
CA ASP A 197 -23.95 -4.66 26.90
C ASP A 197 -23.82 -6.17 27.10
N GLY A 198 -22.63 -6.60 27.50
CA GLY A 198 -22.40 -7.99 27.81
C GLY A 198 -22.30 -8.94 26.63
N VAL A 199 -22.00 -8.45 25.43
CA VAL A 199 -21.99 -9.32 24.25
C VAL A 199 -21.27 -8.62 23.12
N GLU A 200 -20.73 -9.42 22.19
CA GLU A 200 -20.04 -8.90 21.03
C GLU A 200 -21.05 -8.50 19.96
N ASN A 201 -20.91 -7.28 19.44
CA ASN A 201 -21.74 -6.78 18.36
C ASN A 201 -20.86 -6.51 17.14
N VAL A 202 -21.23 -7.11 16.01
CA VAL A 202 -20.51 -6.93 14.76
C VAL A 202 -21.41 -6.21 13.77
N VAL A 203 -20.79 -5.46 12.87
CA VAL A 203 -21.51 -4.80 11.78
C VAL A 203 -21.63 -5.79 10.64
N PHE A 204 -22.86 -5.98 10.16
CA PHE A 204 -23.13 -6.87 9.04
C PHE A 204 -23.72 -6.09 7.87
N THR A 205 -23.51 -6.60 6.67
CA THR A 205 -24.23 -6.08 5.52
C THR A 205 -25.73 -6.31 5.71
N ASN A 206 -26.50 -5.23 5.66
CA ASN A 206 -27.94 -5.32 5.92
C ASN A 206 -28.65 -4.33 5.03
N VAL A 207 -29.95 -4.60 4.79
CA VAL A 207 -30.74 -3.75 3.92
C VAL A 207 -31.02 -2.43 4.62
N VAL A 208 -31.15 -1.37 3.83
CA VAL A 208 -31.52 -0.05 4.33
C VAL A 208 -33.04 0.02 4.36
N ASN A 209 -33.61 0.01 5.55
CA ASN A 209 -35.06 0.08 5.72
C ASN A 209 -35.47 1.46 6.22
N GLU A 210 -36.76 1.61 6.53
CA GLU A 210 -37.28 2.91 6.95
C GLU A 210 -36.64 3.37 8.25
N ASP A 211 -36.25 2.44 9.12
CA ASP A 211 -35.66 2.84 10.39
C ASP A 211 -34.24 3.37 10.20
N LYS A 212 -33.42 2.67 9.40
CA LYS A 212 -32.06 3.14 9.15
C LYS A 212 -32.05 4.38 8.27
N LEU A 213 -33.09 4.56 7.44
CA LEU A 213 -33.17 5.76 6.60
C LEU A 213 -33.24 7.03 7.43
N GLU A 214 -33.60 6.94 8.71
CA GLU A 214 -33.61 8.11 9.58
C GLU A 214 -32.20 8.58 9.88
N GLU A 215 -31.27 7.65 10.08
CA GLU A 215 -29.90 7.97 10.45
C GLU A 215 -29.01 8.25 9.25
N LEU A 216 -29.59 8.59 8.09
CA LEU A 216 -28.78 8.82 6.90
C LEU A 216 -27.95 10.08 7.00
N ASP A 217 -28.37 11.04 7.81
CA ASP A 217 -27.62 12.29 7.93
C ASP A 217 -26.27 12.10 8.59
N THR A 218 -26.09 11.03 9.37
CA THR A 218 -24.80 10.76 10.01
C THR A 218 -23.74 10.31 9.01
N LEU A 219 -24.14 10.01 7.76
CA LEU A 219 -23.18 9.65 6.72
C LEU A 219 -22.10 10.71 6.52
N LEU A 220 -22.34 11.93 6.99
CA LEU A 220 -21.38 13.01 6.83
C LEU A 220 -20.04 12.70 7.49
N TYR A 221 -20.05 11.92 8.58
CA TYR A 221 -18.84 11.69 9.36
C TYR A 221 -18.03 10.49 8.90
N CYS A 222 -18.62 9.60 8.09
CA CYS A 222 -17.89 8.45 7.56
C CYS A 222 -18.67 7.83 6.42
N PRO A 223 -18.03 7.56 5.28
CA PRO A 223 -18.78 7.06 4.12
C PRO A 223 -19.24 5.62 4.31
N MET A 224 -20.07 5.19 3.36
CA MET A 224 -20.58 3.82 3.32
C MET A 224 -20.77 3.44 1.86
N GLN A 225 -20.78 2.12 1.60
CA GLN A 225 -20.94 1.57 0.26
C GLN A 225 -22.33 0.98 0.16
N PHE A 226 -23.21 1.63 -0.60
CA PHE A 226 -24.56 1.16 -0.85
C PHE A 226 -24.61 0.38 -2.15
N GLN A 227 -25.45 -0.66 -2.17
CA GLN A 227 -25.54 -1.50 -3.36
C GLN A 227 -26.96 -2.02 -3.51
N LYS A 228 -27.41 -2.11 -4.75
CA LYS A 228 -28.67 -2.79 -5.03
C LYS A 228 -28.59 -4.23 -4.53
N LYS A 229 -29.62 -4.66 -3.81
CA LYS A 229 -29.63 -6.01 -3.25
C LYS A 229 -29.92 -7.00 -4.38
N ILE A 230 -28.98 -7.90 -4.62
CA ILE A 230 -29.17 -8.99 -5.57
C ILE A 230 -29.82 -10.15 -4.84
N GLU A 231 -30.99 -10.56 -5.30
CA GLU A 231 -31.64 -11.74 -4.73
C GLU A 231 -30.80 -12.98 -5.03
N LYS A 232 -30.57 -13.79 -4.01
CA LYS A 232 -29.64 -14.93 -4.12
C LYS A 232 -30.40 -16.16 -4.60
N LYS A 233 -30.11 -16.58 -5.83
CA LYS A 233 -30.43 -17.94 -6.24
C LYS A 233 -29.25 -18.88 -5.98
N LYS A 234 -28.03 -18.40 -6.25
CA LYS A 234 -26.82 -19.12 -5.88
C LYS A 234 -25.81 -18.13 -5.33
N GLU A 235 -24.93 -18.63 -4.46
CA GLU A 235 -23.77 -17.88 -4.00
C GLU A 235 -22.52 -18.64 -4.42
N LEU A 236 -21.52 -17.91 -4.93
CA LEU A 236 -20.35 -18.52 -5.54
C LEU A 236 -19.07 -18.00 -4.91
N ARG A 237 -18.17 -18.92 -4.59
CA ARG A 237 -16.79 -18.60 -4.23
C ARG A 237 -15.87 -19.25 -5.27
N ILE A 238 -15.02 -18.45 -5.89
CA ILE A 238 -14.13 -18.93 -6.94
C ILE A 238 -12.70 -18.68 -6.51
N THR A 239 -11.96 -19.75 -6.27
CA THR A 239 -10.54 -19.68 -5.95
C THR A 239 -9.75 -19.90 -7.23
N VAL A 240 -8.88 -18.96 -7.58
CA VAL A 240 -8.07 -19.02 -8.79
C VAL A 240 -6.62 -19.09 -8.36
N VAL A 241 -5.93 -20.15 -8.78
CA VAL A 241 -4.49 -20.33 -8.56
C VAL A 241 -3.87 -20.43 -9.94
N GLY A 242 -3.23 -19.35 -10.39
CA GLY A 242 -2.74 -19.28 -11.75
C GLY A 242 -3.87 -19.32 -12.75
N ARG A 243 -3.96 -20.41 -13.51
CA ARG A 243 -5.07 -20.63 -14.42
C ARG A 243 -5.98 -21.77 -13.94
N ASP A 244 -5.79 -22.25 -12.72
CA ASP A 244 -6.65 -23.27 -12.13
C ASP A 244 -7.82 -22.60 -11.43
N VAL A 245 -9.04 -22.93 -11.85
CA VAL A 245 -10.25 -22.30 -11.34
C VAL A 245 -11.04 -23.34 -10.56
N TYR A 246 -11.34 -23.03 -9.30
CA TYR A 246 -12.14 -23.91 -8.44
C TYR A 246 -13.36 -23.11 -8.01
N ALA A 247 -14.53 -23.52 -8.46
CA ALA A 247 -15.78 -22.85 -8.15
C ALA A 247 -16.59 -23.66 -7.16
N PHE A 248 -17.15 -22.99 -6.16
CA PHE A 248 -18.00 -23.61 -5.16
C PHE A 248 -19.28 -22.80 -5.03
N GLU A 249 -20.39 -23.48 -4.81
CA GLU A 249 -21.69 -22.84 -4.78
C GLU A 249 -22.49 -23.27 -3.56
N ILE A 250 -23.32 -22.36 -3.09
CA ILE A 250 -24.43 -22.65 -2.21
C ILE A 250 -25.71 -22.32 -2.97
N ASP A 251 -26.52 -23.34 -3.24
CA ASP A 251 -27.77 -23.18 -3.97
C ASP A 251 -28.86 -22.87 -2.94
N SER A 252 -29.13 -21.59 -2.73
CA SER A 252 -30.16 -21.19 -1.79
C SER A 252 -31.53 -21.65 -2.24
N GLN A 253 -31.80 -21.55 -3.55
CA GLN A 253 -33.10 -21.92 -4.09
C GLN A 253 -33.40 -23.40 -3.85
N GLN A 254 -32.47 -24.27 -4.23
CA GLN A 254 -32.70 -25.70 -4.08
C GLN A 254 -32.68 -26.12 -2.61
N SER A 255 -31.90 -25.44 -1.77
CA SER A 255 -31.94 -25.71 -0.34
C SER A 255 -33.32 -25.41 0.24
N GLU A 256 -33.84 -24.22 -0.05
CA GLU A 256 -35.16 -23.83 0.43
C GLU A 256 -36.24 -24.74 -0.13
N ALA A 257 -36.06 -25.23 -1.36
CA ALA A 257 -37.02 -26.16 -1.92
C ALA A 257 -36.97 -27.50 -1.19
N ALA A 258 -35.76 -28.02 -0.96
CA ALA A 258 -35.59 -29.29 -0.25
C ALA A 258 -36.16 -29.23 1.15
N LYS A 259 -36.15 -28.05 1.78
CA LYS A 259 -36.73 -27.93 3.12
C LYS A 259 -38.22 -28.24 3.14
N THR A 260 -38.90 -28.21 1.98
CA THR A 260 -40.30 -28.58 1.90
C THR A 260 -40.51 -30.07 1.64
N ASP A 261 -39.53 -30.74 1.04
CA ASP A 261 -39.64 -32.15 0.71
C ASP A 261 -39.28 -32.99 1.94
N TRP A 262 -40.21 -33.84 2.38
CA TRP A 262 -39.95 -34.68 3.55
C TRP A 262 -38.81 -35.65 3.30
N ARG A 263 -38.58 -36.02 2.04
CA ARG A 263 -37.50 -36.95 1.71
C ARG A 263 -36.11 -36.37 1.94
N LYS A 264 -36.01 -35.07 2.23
CA LYS A 264 -34.72 -34.41 2.44
C LYS A 264 -34.49 -34.04 3.89
N ASP A 265 -35.35 -34.47 4.81
CA ASP A 265 -35.21 -34.11 6.21
C ASP A 265 -33.91 -34.69 6.79
N GLY A 266 -33.21 -33.87 7.57
CA GLY A 266 -31.96 -34.28 8.18
C GLY A 266 -30.75 -34.19 7.28
N ILE A 267 -30.93 -33.94 5.98
CA ILE A 267 -29.83 -33.79 5.04
C ILE A 267 -29.62 -32.30 4.87
N ASN A 268 -28.60 -31.77 5.54
CA ASN A 268 -28.35 -30.33 5.55
C ASN A 268 -27.06 -29.99 4.83
N LEU A 269 -26.86 -30.58 3.64
CA LEU A 269 -25.82 -30.12 2.71
C LEU A 269 -26.17 -28.71 2.22
N ILE A 270 -27.30 -28.20 2.70
CA ILE A 270 -27.78 -26.87 2.35
C ILE A 270 -26.84 -25.78 2.85
N ASP A 271 -26.17 -26.02 3.98
CA ASP A 271 -25.26 -25.04 4.57
C ASP A 271 -23.81 -25.23 4.12
N LYS A 272 -23.54 -26.23 3.29
CA LYS A 272 -22.19 -26.56 2.87
C LYS A 272 -21.98 -26.18 1.41
N TRP A 273 -20.83 -25.60 1.11
CA TRP A 273 -20.46 -25.33 -0.27
C TRP A 273 -20.22 -26.62 -1.02
N ILE A 274 -20.74 -26.71 -2.23
CA ILE A 274 -20.48 -27.87 -3.07
C ILE A 274 -19.69 -27.43 -4.29
N PRO A 275 -18.70 -28.21 -4.74
CA PRO A 275 -18.00 -27.86 -5.97
C PRO A 275 -18.95 -27.80 -7.15
N THR A 276 -18.69 -26.86 -8.06
CA THR A 276 -19.53 -26.64 -9.21
C THR A 276 -18.64 -26.21 -10.38
N GLU A 277 -19.25 -26.05 -11.55
CA GLU A 277 -18.55 -25.67 -12.76
C GLU A 277 -19.18 -24.40 -13.32
N LEU A 278 -18.34 -23.44 -13.69
CA LEU A 278 -18.79 -22.15 -14.18
C LEU A 278 -19.08 -22.21 -15.67
N PRO A 279 -20.01 -21.38 -16.14
CA PRO A 279 -20.10 -21.15 -17.59
C PRO A 279 -18.78 -20.62 -18.12
N GLN A 280 -18.43 -21.05 -19.33
CA GLN A 280 -17.08 -20.78 -19.84
C GLN A 280 -16.82 -19.29 -20.01
N ASP A 281 -17.85 -18.49 -20.26
CA ASP A 281 -17.66 -17.04 -20.35
C ASP A 281 -17.30 -16.46 -18.99
N ILE A 282 -17.97 -16.91 -17.92
CA ILE A 282 -17.66 -16.43 -16.59
C ILE A 282 -16.23 -16.77 -16.20
N GLU A 283 -15.80 -18.00 -16.50
CA GLU A 283 -14.44 -18.41 -16.18
C GLU A 283 -13.42 -17.63 -17.01
N PHE A 284 -13.73 -17.40 -18.28
CA PHE A 284 -12.89 -16.56 -19.12
C PHE A 284 -12.70 -15.18 -18.51
N MET A 285 -13.79 -14.58 -18.04
CA MET A 285 -13.70 -13.24 -17.46
C MET A 285 -12.99 -13.25 -16.12
N ILE A 286 -13.10 -14.34 -15.36
CA ILE A 286 -12.35 -14.45 -14.10
C ILE A 286 -10.85 -14.49 -14.39
N LEU A 287 -10.44 -15.33 -15.34
CA LEU A 287 -9.04 -15.39 -15.72
C LEU A 287 -8.57 -14.05 -16.27
N GLU A 288 -9.44 -13.34 -17.00
CA GLU A 288 -9.08 -12.02 -17.50
C GLU A 288 -8.92 -11.01 -16.37
N LEU A 289 -9.73 -11.13 -15.32
CA LEU A 289 -9.57 -10.25 -14.16
C LEU A 289 -8.21 -10.46 -13.51
N LEU A 290 -7.84 -11.73 -13.29
CA LEU A 290 -6.51 -12.01 -12.75
C LEU A 290 -5.41 -11.55 -13.70
N ASP A 291 -5.67 -11.59 -15.01
CA ASP A 291 -4.69 -11.10 -15.98
C ASP A 291 -4.52 -9.59 -15.86
N VAL A 292 -5.63 -8.86 -15.73
CA VAL A 292 -5.57 -7.41 -15.60
C VAL A 292 -4.81 -7.02 -14.33
N TYR A 293 -5.07 -7.71 -13.23
CA TYR A 293 -4.33 -7.42 -12.01
C TYR A 293 -2.90 -7.96 -12.03
N HIS A 294 -2.60 -8.93 -12.90
CA HIS A 294 -1.30 -9.58 -12.96
C HIS A 294 -0.94 -10.21 -11.61
N VAL A 295 -1.89 -10.95 -11.05
CA VAL A 295 -1.68 -11.75 -9.85
C VAL A 295 -2.05 -13.18 -10.17
N ASP A 296 -1.49 -14.12 -9.40
CA ASP A 296 -1.71 -15.53 -9.63
C ASP A 296 -2.56 -16.19 -8.56
N TYR A 297 -3.15 -15.41 -7.66
CA TYR A 297 -4.09 -15.94 -6.69
C TYR A 297 -5.26 -14.98 -6.54
N GLY A 298 -6.46 -15.53 -6.41
CA GLY A 298 -7.65 -14.70 -6.23
C GLY A 298 -8.77 -15.48 -5.59
N ALA A 299 -9.57 -14.78 -4.78
CA ALA A 299 -10.79 -15.34 -4.20
C ALA A 299 -11.93 -14.40 -4.56
N ILE A 300 -12.75 -14.82 -5.52
CA ILE A 300 -13.82 -13.99 -6.07
C ILE A 300 -15.15 -14.42 -5.46
N ASP A 301 -15.98 -13.45 -5.11
CA ASP A 301 -17.34 -13.69 -4.64
C ASP A 301 -18.34 -13.30 -5.72
N MET A 302 -19.33 -14.15 -5.94
CA MET A 302 -20.35 -13.88 -6.95
C MET A 302 -21.72 -14.26 -6.41
N ILE A 303 -22.74 -13.63 -6.98
CA ILE A 303 -24.13 -13.95 -6.68
C ILE A 303 -24.86 -14.21 -7.98
N VAL A 304 -25.58 -15.33 -8.06
CA VAL A 304 -26.41 -15.66 -9.20
C VAL A 304 -27.86 -15.36 -8.82
N SER A 305 -28.46 -14.41 -9.53
CA SER A 305 -29.81 -13.95 -9.24
C SER A 305 -30.83 -14.98 -9.71
N PRO A 306 -32.11 -14.80 -9.36
CA PRO A 306 -33.15 -15.70 -9.90
C PRO A 306 -33.21 -15.72 -11.42
N GLU A 307 -32.86 -14.62 -12.07
CA GLU A 307 -32.80 -14.57 -13.53
C GLU A 307 -31.52 -15.18 -14.09
N ASP A 308 -30.75 -15.87 -13.26
CA ASP A 308 -29.57 -16.64 -13.69
C ASP A 308 -28.50 -15.76 -14.32
N GLU A 309 -28.39 -14.51 -13.89
CA GLU A 309 -27.28 -13.65 -14.28
C GLU A 309 -26.25 -13.60 -13.17
N TYR A 310 -24.99 -13.53 -13.55
CA TYR A 310 -23.87 -13.63 -12.62
C TYR A 310 -23.39 -12.23 -12.24
N TYR A 311 -23.35 -11.96 -10.95
CA TYR A 311 -22.94 -10.65 -10.42
C TYR A 311 -21.63 -10.81 -9.67
N PHE A 312 -20.61 -10.07 -10.12
CA PHE A 312 -19.36 -9.95 -9.39
C PHE A 312 -19.58 -9.09 -8.16
N ILE A 313 -19.01 -9.51 -7.03
CA ILE A 313 -19.14 -8.78 -5.77
C ILE A 313 -17.80 -8.18 -5.35
N GLU A 314 -16.76 -9.00 -5.26
CA GLU A 314 -15.43 -8.52 -4.92
C GLU A 314 -14.44 -9.65 -5.13
N ILE A 315 -13.16 -9.30 -5.17
CA ILE A 315 -12.06 -10.25 -5.22
C ILE A 315 -11.15 -9.98 -4.03
N ASN A 316 -10.81 -11.04 -3.29
CA ASN A 316 -9.93 -10.94 -2.13
C ASN A 316 -8.61 -11.57 -2.50
N ALA A 317 -7.55 -10.74 -2.54
CA ALA A 317 -6.23 -11.24 -2.87
C ALA A 317 -5.65 -12.11 -1.77
N ALA A 318 -6.15 -11.99 -0.54
CA ALA A 318 -5.66 -12.77 0.60
C ALA A 318 -6.73 -13.69 1.16
N GLY A 319 -7.73 -14.04 0.36
CA GLY A 319 -8.81 -14.88 0.85
C GLY A 319 -8.33 -16.28 1.22
N GLU A 320 -8.87 -16.79 2.32
CA GLU A 320 -8.53 -18.14 2.75
C GLU A 320 -9.17 -19.17 1.81
N PHE A 321 -8.56 -20.35 1.75
CA PHE A 321 -9.00 -21.40 0.85
C PHE A 321 -9.08 -22.77 1.50
N PHE A 322 -8.58 -22.95 2.72
CA PHE A 322 -8.48 -24.28 3.32
C PHE A 322 -9.86 -24.90 3.52
N TRP A 323 -10.84 -24.11 3.96
CA TRP A 323 -12.17 -24.63 4.22
C TRP A 323 -12.79 -25.23 2.96
N LEU A 324 -12.55 -24.61 1.80
CA LEU A 324 -13.03 -25.15 0.54
C LEU A 324 -12.04 -26.13 -0.09
N ASP A 325 -10.74 -26.00 0.19
CA ASP A 325 -9.78 -26.99 -0.28
C ASP A 325 -10.04 -28.36 0.33
N ASN A 326 -10.57 -28.39 1.55
CA ASN A 326 -10.94 -29.65 2.18
C ASN A 326 -12.16 -30.31 1.54
N LEU A 327 -12.87 -29.57 0.69
CA LEU A 327 -14.00 -30.12 -0.06
C LEU A 327 -13.58 -30.68 -1.41
N THR A 328 -12.32 -30.51 -1.79
CA THR A 328 -11.77 -31.18 -2.96
C THR A 328 -11.21 -32.55 -2.56
N GLU A 329 -10.80 -33.31 -3.56
CA GLU A 329 -10.21 -34.63 -3.34
C GLU A 329 -8.71 -34.47 -3.13
N GLU A 330 -8.26 -34.73 -1.89
CA GLU A 330 -6.85 -34.66 -1.53
C GLU A 330 -6.25 -33.29 -1.80
N ASN A 331 -7.01 -32.24 -1.48
CA ASN A 331 -6.52 -30.86 -1.42
C ASN A 331 -5.94 -30.41 -2.76
N ARG A 332 -6.85 -30.32 -3.75
CA ARG A 332 -6.43 -29.93 -5.09
C ARG A 332 -5.96 -28.48 -5.15
N ILE A 333 -6.53 -27.59 -4.34
CA ILE A 333 -6.09 -26.19 -4.34
C ILE A 333 -4.69 -26.08 -3.75
N SER A 334 -4.41 -26.85 -2.70
CA SER A 334 -3.05 -26.86 -2.14
C SER A 334 -2.05 -27.38 -3.15
N LYS A 335 -2.43 -28.42 -3.90
CA LYS A 335 -1.56 -28.93 -4.96
C LYS A 335 -1.36 -27.88 -6.05
N SER A 336 -2.40 -27.14 -6.39
CA SER A 336 -2.27 -26.06 -7.36
C SER A 336 -1.26 -25.02 -6.88
N ILE A 337 -1.39 -24.59 -5.63
CA ILE A 337 -0.49 -23.58 -5.08
C ILE A 337 0.94 -24.11 -5.04
N ALA A 338 1.12 -25.37 -4.68
CA ALA A 338 2.46 -25.96 -4.62
C ALA A 338 3.09 -26.01 -6.02
N ASP A 339 2.33 -26.49 -7.00
CA ASP A 339 2.85 -26.54 -8.37
C ASP A 339 3.18 -25.14 -8.88
N LEU A 340 2.38 -24.14 -8.50
CA LEU A 340 2.66 -22.78 -8.93
C LEU A 340 3.93 -22.24 -8.28
N LEU A 341 4.14 -22.54 -6.99
CA LEU A 341 5.30 -21.99 -6.29
C LEU A 341 6.60 -22.67 -6.72
N CYS A 342 6.52 -23.90 -7.20
CA CYS A 342 7.68 -24.64 -7.68
C CYS A 342 7.90 -24.49 -9.19
N ASP A 343 7.18 -23.56 -9.84
CA ASP A 343 7.31 -23.30 -11.27
C ASP A 343 6.95 -24.53 -12.09
N LYS A 344 5.94 -25.27 -11.63
CA LYS A 344 5.41 -26.42 -12.37
C LYS A 344 3.99 -26.15 -12.86
N ALA A 345 3.65 -24.88 -13.11
CA ALA A 345 2.35 -24.48 -13.60
C ALA A 345 2.50 -23.14 -14.27
N PRO A 346 1.67 -22.81 -15.26
CA PRO A 346 1.78 -21.52 -15.94
C PRO A 346 1.59 -20.37 -14.96
N ARG A 347 2.46 -19.37 -15.07
CA ARG A 347 2.46 -18.22 -14.17
C ARG A 347 2.25 -16.93 -14.94
N ARG A 348 1.75 -15.93 -14.23
CA ARG A 348 1.84 -14.54 -14.67
C ARG A 348 3.14 -14.00 -14.07
N ASP A 349 4.21 -14.09 -14.85
CA ASP A 349 5.55 -13.79 -14.35
C ASP A 349 5.63 -12.35 -13.86
N ASN A 350 5.99 -12.19 -12.58
CA ASN A 350 6.10 -10.87 -11.96
C ASN A 350 7.49 -10.64 -11.36
N ARG A 351 8.51 -11.32 -11.88
CA ARG A 351 9.85 -11.09 -11.39
C ARG A 351 10.30 -9.67 -11.69
N VAL A 352 10.98 -9.05 -10.73
CA VAL A 352 11.50 -7.70 -10.90
C VAL A 352 12.80 -7.82 -11.68
N LEU A 353 12.73 -7.61 -12.99
CA LEU A 353 13.91 -7.55 -13.85
C LEU A 353 14.65 -8.89 -13.88
N LYS B 1 12.06 -0.40 28.20
CA LYS B 1 13.32 -0.39 27.48
C LYS B 1 13.26 0.53 26.27
N GLU B 2 14.41 1.07 25.88
CA GLU B 2 14.44 1.96 24.73
C GLU B 2 14.88 1.20 23.49
N PRO B 3 14.42 1.60 22.31
CA PRO B 3 14.99 1.06 21.07
C PRO B 3 16.33 1.69 20.76
N PHE B 4 16.99 1.16 19.73
CA PHE B 4 18.35 1.62 19.42
C PHE B 4 18.37 3.07 19.01
N PHE B 5 17.49 3.46 18.08
CA PHE B 5 17.49 4.83 17.55
C PHE B 5 17.24 5.87 18.63
N ALA B 6 16.74 5.45 19.80
CA ALA B 6 16.55 6.39 20.91
C ALA B 6 17.86 7.05 21.30
N ALA B 7 19.00 6.38 21.06
CA ALA B 7 20.28 6.98 21.38
C ALA B 7 20.58 8.19 20.49
N PHE B 8 20.02 8.22 19.28
CA PHE B 8 20.29 9.28 18.32
C PHE B 8 19.20 10.35 18.30
N LEU B 9 18.31 10.34 19.28
CA LEU B 9 17.27 11.36 19.35
C LEU B 9 17.87 12.72 19.71
N GLU B 10 17.26 13.77 19.17
CA GLU B 10 17.67 15.14 19.44
C GLU B 10 16.55 16.07 18.97
N LYS B 11 16.46 17.23 19.61
CA LYS B 11 15.41 18.19 19.28
C LYS B 11 15.66 18.77 17.88
N GLN B 12 14.62 18.75 17.06
CA GLN B 12 14.71 19.24 15.69
C GLN B 12 14.98 20.75 15.63
N LYS C 1 -20.73 11.88 18.30
CA LYS C 1 -21.92 11.16 17.86
C LYS C 1 -21.57 9.83 17.21
N GLU C 2 -22.50 9.28 16.43
CA GLU C 2 -22.32 7.96 15.86
C GLU C 2 -22.27 8.00 14.34
N PRO C 3 -21.36 7.24 13.72
CA PRO C 3 -21.37 7.11 12.27
C PRO C 3 -22.51 6.23 11.81
N PHE C 4 -22.70 6.19 10.49
CA PHE C 4 -23.83 5.46 9.92
C PHE C 4 -23.71 3.96 10.17
N PHE C 5 -22.50 3.40 10.03
CA PHE C 5 -22.34 1.96 10.16
C PHE C 5 -22.67 1.47 11.57
N ALA C 6 -22.66 2.36 12.56
CA ALA C 6 -23.05 1.96 13.91
C ALA C 6 -24.49 1.48 13.95
N ALA C 7 -25.32 1.95 13.01
CA ALA C 7 -26.71 1.50 12.95
C ALA C 7 -26.84 0.07 12.42
N PHE C 8 -25.74 -0.56 12.00
CA PHE C 8 -25.76 -1.91 11.46
C PHE C 8 -25.12 -2.91 12.41
N LEU C 9 -24.81 -2.50 13.64
CA LEU C 9 -24.33 -3.44 14.64
C LEU C 9 -25.44 -4.42 15.01
N GLU C 10 -25.12 -5.70 14.99
CA GLU C 10 -26.07 -6.75 15.34
C GLU C 10 -25.45 -7.64 16.41
N LYS C 11 -26.28 -8.48 17.01
CA LYS C 11 -25.81 -9.41 18.02
C LYS C 11 -24.91 -10.47 17.39
N GLN C 12 -23.68 -10.57 17.88
CA GLN C 12 -22.69 -11.56 17.43
C GLN C 12 -22.59 -11.67 15.91
N MET D 21 -12.88 21.97 -21.66
CA MET D 21 -11.44 21.77 -21.54
C MET D 21 -11.12 20.62 -20.59
N ASN D 22 -9.89 20.10 -20.69
CA ASN D 22 -9.48 18.98 -19.87
C ASN D 22 -9.47 19.37 -18.39
N LYS D 23 -9.79 18.39 -17.55
CA LYS D 23 -9.85 18.58 -16.11
C LYS D 23 -8.72 17.81 -15.43
N ILE D 24 -7.94 18.50 -14.61
CA ILE D 24 -6.84 17.91 -13.86
C ILE D 24 -7.24 17.90 -12.39
N LEU D 25 -7.36 16.71 -11.82
CA LEU D 25 -7.65 16.57 -10.40
C LEU D 25 -6.33 16.63 -9.61
N ILE D 26 -6.28 17.52 -8.62
CA ILE D 26 -5.09 17.68 -7.78
C ILE D 26 -5.47 17.28 -6.37
N ILE D 27 -4.90 16.18 -5.88
CA ILE D 27 -5.10 15.71 -4.52
C ILE D 27 -4.11 16.44 -3.62
N THR D 28 -4.60 17.28 -2.73
CA THR D 28 -3.72 18.06 -1.87
C THR D 28 -4.44 18.30 -0.55
N HIS D 29 -3.94 19.25 0.24
CA HIS D 29 -4.55 19.62 1.51
C HIS D 29 -4.48 21.14 1.67
N THR D 30 -5.26 21.65 2.63
CA THR D 30 -5.46 23.09 2.74
C THR D 30 -4.20 23.85 3.10
N ALA D 31 -3.18 23.18 3.65
CA ALA D 31 -1.92 23.82 4.00
C ALA D 31 -0.82 23.55 2.99
N ASP D 32 -1.17 23.46 1.70
CA ASP D 32 -0.25 23.02 0.67
C ASP D 32 -0.24 23.93 -0.56
N ASN D 33 -0.76 25.17 -0.44
CA ASN D 33 -0.76 26.08 -1.57
C ASN D 33 0.66 26.39 -2.05
N PHE D 34 1.64 26.30 -1.14
CA PHE D 34 2.99 26.73 -1.45
C PHE D 34 3.61 25.92 -2.57
N SER D 35 3.18 24.67 -2.76
CA SER D 35 3.73 23.81 -3.78
C SER D 35 2.83 23.63 -5.00
N ILE D 36 1.60 24.13 -4.97
CA ILE D 36 0.65 23.90 -6.04
C ILE D 36 0.16 25.17 -6.70
N ASP D 37 0.45 26.35 -6.13
CA ASP D 37 -0.03 27.59 -6.74
C ASP D 37 0.52 27.79 -8.15
N LYS D 38 1.83 27.61 -8.32
CA LYS D 38 2.44 27.82 -9.62
C LYS D 38 2.01 26.75 -10.63
N VAL D 39 1.87 25.50 -10.17
CA VAL D 39 1.39 24.43 -11.03
C VAL D 39 -0.02 24.73 -11.52
N THR D 40 -0.89 25.20 -10.62
CA THR D 40 -2.25 25.57 -11.01
C THR D 40 -2.23 26.73 -12.00
N GLU D 41 -1.39 27.73 -11.76
CA GLU D 41 -1.31 28.87 -12.67
C GLU D 41 -0.88 28.43 -14.07
N TYR D 42 0.11 27.55 -14.15
CA TYR D 42 0.58 27.11 -15.45
C TYR D 42 -0.40 26.16 -16.13
N ILE D 43 -1.16 25.39 -15.35
CA ILE D 43 -2.22 24.56 -15.94
C ILE D 43 -3.31 25.46 -16.53
N ASP D 44 -3.70 26.50 -15.80
CA ASP D 44 -4.67 27.45 -16.33
C ASP D 44 -4.14 28.13 -17.59
N LYS D 45 -2.86 28.47 -17.59
CA LYS D 45 -2.25 29.05 -18.78
C LYS D 45 -2.21 28.05 -19.93
N ASN D 46 -2.21 26.76 -19.62
CA ASN D 46 -2.21 25.73 -20.65
C ASN D 46 -3.58 25.46 -21.25
N GLY D 47 -4.65 25.92 -20.61
CA GLY D 47 -5.99 25.74 -21.12
C GLY D 47 -6.78 24.59 -20.56
N CYS D 48 -6.37 24.06 -19.41
CA CYS D 48 -7.08 23.00 -18.71
C CYS D 48 -7.56 23.51 -17.35
N GLU D 49 -8.66 22.95 -16.87
CA GLU D 49 -9.24 23.33 -15.58
C GLU D 49 -8.60 22.51 -14.47
N VAL D 50 -8.47 23.12 -13.29
CA VAL D 50 -7.93 22.46 -12.11
C VAL D 50 -9.07 22.21 -11.13
N ILE D 51 -9.19 20.97 -10.67
CA ILE D 51 -10.11 20.62 -9.59
C ILE D 51 -9.26 20.27 -8.39
N ARG D 52 -9.27 21.15 -7.38
CA ARG D 52 -8.50 20.93 -6.17
C ARG D 52 -9.33 20.12 -5.17
N PHE D 53 -8.77 19.00 -4.71
CA PHE D 53 -9.39 18.13 -3.72
C PHE D 53 -8.55 18.22 -2.45
N ASN D 54 -9.02 19.02 -1.50
CA ASN D 54 -8.39 19.10 -0.19
C ASN D 54 -8.92 17.97 0.69
N VAL D 55 -8.03 17.07 1.10
CA VAL D 55 -8.45 15.89 1.83
C VAL D 55 -8.50 16.09 3.34
N ASP D 56 -8.07 17.24 3.86
CA ASP D 56 -8.41 17.55 5.24
C ASP D 56 -9.92 17.59 5.42
N GLU D 57 -10.60 18.25 4.48
CA GLU D 57 -12.02 18.51 4.57
C GLU D 57 -12.87 17.31 4.16
N TYR D 58 -12.25 16.18 3.84
CA TYR D 58 -12.99 14.93 3.67
C TYR D 58 -12.96 14.15 4.97
N PRO D 59 -14.12 13.71 5.50
CA PRO D 59 -15.44 13.89 4.89
C PRO D 59 -16.29 14.98 5.55
N LEU D 60 -15.67 15.85 6.34
CA LEU D 60 -16.44 16.82 7.12
C LEU D 60 -16.99 17.93 6.25
N LYS D 61 -16.14 18.54 5.42
CA LYS D 61 -16.49 19.78 4.73
C LYS D 61 -16.70 19.63 3.24
N ASN D 62 -16.45 18.44 2.67
CA ASN D 62 -16.79 18.19 1.28
C ASN D 62 -17.32 16.77 1.15
N LYS D 63 -18.09 16.55 0.08
CA LYS D 63 -18.76 15.29 -0.15
C LYS D 63 -18.15 14.60 -1.37
N LEU D 64 -17.88 13.31 -1.25
CA LEU D 64 -17.35 12.51 -2.35
C LEU D 64 -18.29 11.36 -2.63
N SER D 65 -18.72 11.23 -3.89
CA SER D 65 -19.66 10.17 -4.25
C SER D 65 -19.20 9.51 -5.54
N THR D 66 -19.18 8.18 -5.55
CA THR D 66 -19.00 7.39 -6.75
C THR D 66 -20.21 6.48 -6.92
N THR D 67 -20.85 6.55 -8.08
CA THR D 67 -22.04 5.78 -8.36
C THR D 67 -21.88 5.03 -9.67
N PHE D 68 -22.26 3.76 -9.67
CA PHE D 68 -22.47 3.00 -10.89
C PHE D 68 -23.95 2.64 -10.96
N GLN D 69 -24.63 3.11 -12.00
CA GLN D 69 -26.03 2.76 -12.18
C GLN D 69 -26.39 2.92 -13.64
N ASP D 70 -27.29 2.04 -14.10
CA ASP D 70 -27.77 2.06 -15.47
C ASP D 70 -26.61 2.01 -16.46
N GLY D 71 -25.56 1.28 -16.09
CA GLY D 71 -24.40 1.11 -16.93
C GLY D 71 -23.43 2.26 -16.95
N LYS D 72 -23.63 3.29 -16.12
CA LYS D 72 -22.82 4.48 -16.17
C LYS D 72 -22.16 4.75 -14.83
N TRP D 73 -20.90 5.18 -14.87
CA TRP D 73 -20.15 5.61 -13.71
C TRP D 73 -20.14 7.13 -13.61
N THR D 74 -20.32 7.64 -12.39
CA THR D 74 -20.19 9.07 -12.12
C THR D 74 -19.45 9.24 -10.80
N THR D 75 -18.66 10.31 -10.72
CA THR D 75 -18.00 10.68 -9.47
C THR D 75 -18.17 12.18 -9.27
N THR D 76 -18.68 12.56 -8.11
CA THR D 76 -18.97 13.95 -7.78
C THR D 76 -18.22 14.33 -6.52
N LEU D 77 -17.42 15.40 -6.62
CA LEU D 77 -16.79 16.05 -5.48
C LEU D 77 -17.52 17.37 -5.27
N GLU D 78 -18.25 17.47 -4.17
CA GLU D 78 -19.13 18.59 -3.89
C GLU D 78 -18.57 19.38 -2.71
N THR D 79 -18.08 20.58 -2.99
CA THR D 79 -17.70 21.57 -2.00
C THR D 79 -18.82 22.58 -1.83
N PRO D 80 -18.89 23.28 -0.68
CA PRO D 80 -20.02 24.18 -0.41
C PRO D 80 -20.31 25.19 -1.52
N GLU D 81 -19.38 25.34 -2.46
CA GLU D 81 -19.54 26.30 -3.55
C GLU D 81 -19.66 25.66 -4.93
N LYS D 82 -19.25 24.41 -5.10
CA LYS D 82 -19.15 23.86 -6.45
C LYS D 82 -19.27 22.35 -6.45
N LYS D 83 -20.03 21.83 -7.40
CA LYS D 83 -20.09 20.40 -7.70
C LYS D 83 -19.18 20.12 -8.88
N ASN D 84 -18.21 19.22 -8.71
CA ASN D 84 -17.29 18.85 -9.76
C ASN D 84 -17.53 17.40 -10.15
N SER D 85 -17.64 17.14 -11.46
CA SER D 85 -17.70 15.79 -11.97
C SER D 85 -16.29 15.26 -12.19
N LEU D 86 -16.00 14.10 -11.62
CA LEU D 86 -14.65 13.55 -11.64
C LEU D 86 -14.49 12.34 -12.56
N GLU D 87 -15.59 11.78 -13.06
CA GLU D 87 -15.49 10.58 -13.89
C GLU D 87 -14.84 10.85 -15.24
N ASP D 88 -14.90 12.10 -15.72
CA ASP D 88 -14.36 12.45 -17.03
C ASP D 88 -13.08 13.28 -16.93
N ILE D 89 -12.39 13.22 -15.79
CA ILE D 89 -11.10 13.89 -15.70
C ILE D 89 -10.12 13.23 -16.65
N SER D 90 -9.09 13.98 -17.04
CA SER D 90 -8.07 13.47 -17.93
C SER D 90 -6.75 13.16 -17.23
N THR D 91 -6.59 13.59 -15.98
CA THR D 91 -5.35 13.36 -15.23
C THR D 91 -5.61 13.66 -13.77
N VAL D 92 -4.95 12.89 -12.89
CA VAL D 92 -4.95 13.15 -11.46
C VAL D 92 -3.50 13.32 -11.01
N TRP D 93 -3.27 14.27 -10.10
CA TRP D 93 -1.96 14.46 -9.48
C TRP D 93 -2.10 14.17 -7.98
N TYR D 94 -1.65 12.98 -7.59
CA TYR D 94 -1.58 12.61 -6.17
C TYR D 94 -0.36 13.32 -5.59
N ARG D 95 -0.59 14.55 -5.11
CA ARG D 95 0.48 15.39 -4.59
C ARG D 95 0.67 15.20 -3.09
N ARG D 96 -0.39 15.37 -2.30
CA ARG D 96 -0.31 15.25 -0.84
C ARG D 96 -1.67 14.81 -0.32
N ALA D 97 -1.64 14.04 0.76
CA ALA D 97 -2.85 13.52 1.39
C ALA D 97 -2.78 13.68 2.91
N TYR D 98 -2.41 14.88 3.35
CA TYR D 98 -2.20 15.14 4.78
C TYR D 98 -3.53 15.35 5.50
N ASN D 99 -3.59 14.87 6.75
CA ASN D 99 -4.65 15.21 7.69
C ASN D 99 -6.04 14.84 7.18
N ILE D 100 -6.13 13.68 6.50
CA ILE D 100 -7.43 13.18 6.09
C ILE D 100 -8.30 12.96 7.32
N GLY D 101 -9.58 13.33 7.21
CA GLY D 101 -10.50 13.17 8.32
C GLY D 101 -10.29 14.14 9.45
N HIS D 102 -9.77 15.33 9.17
CA HIS D 102 -9.56 16.31 10.23
C HIS D 102 -10.90 16.80 10.76
N GLY D 103 -11.03 16.84 12.09
CA GLY D 103 -12.23 17.29 12.75
C GLY D 103 -13.21 16.19 13.12
N ILE D 104 -13.02 14.98 12.61
CA ILE D 104 -13.94 13.89 12.93
C ILE D 104 -13.76 13.46 14.39
N LYS D 105 -12.54 13.53 14.91
CA LYS D 105 -12.26 13.11 16.28
C LYS D 105 -13.12 13.87 17.29
N GLU D 106 -13.45 15.12 16.99
CA GLU D 106 -14.29 15.92 17.88
C GLU D 106 -15.78 15.73 17.62
N GLU D 107 -16.15 15.06 16.52
CA GLU D 107 -17.54 14.82 16.19
C GLU D 107 -18.03 13.45 16.66
N LEU D 108 -17.25 12.40 16.41
CA LEU D 108 -17.70 11.04 16.67
C LEU D 108 -17.35 10.61 18.09
N ASP D 109 -18.22 9.77 18.66
CA ASP D 109 -17.92 9.14 19.93
C ASP D 109 -16.63 8.33 19.82
N ALA D 110 -15.88 8.28 20.92
CA ALA D 110 -14.53 7.71 20.89
C ALA D 110 -14.53 6.25 20.45
N LYS D 111 -15.61 5.51 20.73
CA LYS D 111 -15.62 4.08 20.43
C LYS D 111 -15.66 3.80 18.93
N PHE D 112 -16.09 4.76 18.12
CA PHE D 112 -16.19 4.56 16.68
C PHE D 112 -15.04 5.17 15.90
N TYR D 113 -14.12 5.89 16.56
CA TYR D 113 -13.21 6.78 15.85
C TYR D 113 -12.22 6.02 14.98
N GLY D 114 -11.54 5.02 15.56
CA GLY D 114 -10.54 4.30 14.79
C GLY D 114 -11.11 3.60 13.58
N ALA D 115 -12.26 2.93 13.76
CA ALA D 115 -12.90 2.24 12.65
C ALA D 115 -13.39 3.23 11.61
N ALA D 116 -13.94 4.37 12.03
CA ALA D 116 -14.39 5.37 11.08
C ALA D 116 -13.23 5.93 10.27
N MET D 117 -12.09 6.13 10.93
CA MET D 117 -10.92 6.63 10.20
C MET D 117 -10.39 5.59 9.23
N GLY D 118 -10.38 4.31 9.64
CA GLY D 118 -10.03 3.25 8.71
C GLY D 118 -10.92 3.23 7.49
N GLU D 119 -12.23 3.37 7.70
CA GLU D 119 -13.17 3.37 6.58
C GLU D 119 -12.97 4.60 5.69
N ILE D 120 -12.77 5.77 6.30
CA ILE D 120 -12.56 7.00 5.53
C ILE D 120 -11.31 6.88 4.68
N ARG D 121 -10.22 6.38 5.26
CA ARG D 121 -8.97 6.24 4.52
C ARG D 121 -9.12 5.20 3.41
N ASN D 122 -9.77 4.08 3.69
CA ASN D 122 -9.97 3.08 2.65
C ASN D 122 -10.77 3.66 1.49
N THR D 123 -11.83 4.40 1.78
CA THR D 123 -12.66 4.98 0.72
C THR D 123 -11.86 5.99 -0.10
N LEU D 124 -11.18 6.93 0.57
CA LEU D 124 -10.44 7.97 -0.13
C LEU D 124 -9.34 7.37 -0.99
N PHE D 125 -8.47 6.55 -0.39
CA PHE D 125 -7.35 5.99 -1.13
C PHE D 125 -7.81 4.98 -2.18
N GLY D 126 -8.96 4.34 -1.98
CA GLY D 126 -9.47 3.43 -2.99
C GLY D 126 -10.07 4.15 -4.17
N PHE D 127 -10.65 5.33 -3.94
CA PHE D 127 -11.01 6.17 -5.07
C PHE D 127 -9.76 6.62 -5.82
N LEU D 128 -8.72 7.02 -5.09
CA LEU D 128 -7.48 7.45 -5.74
C LEU D 128 -6.89 6.33 -6.59
N GLU D 129 -6.85 5.11 -6.06
CA GLU D 129 -6.33 3.98 -6.84
C GLU D 129 -7.21 3.67 -8.04
N SER D 130 -8.52 3.89 -7.92
CA SER D 130 -9.47 3.50 -8.95
C SER D 130 -9.52 4.46 -10.13
N ILE D 131 -8.76 5.55 -10.11
CA ILE D 131 -8.74 6.47 -11.24
C ILE D 131 -7.99 5.80 -12.40
N ASP D 132 -8.70 5.59 -13.51
CA ASP D 132 -8.11 4.93 -14.67
C ASP D 132 -7.48 5.91 -15.66
N ALA D 133 -7.77 7.20 -15.54
CA ALA D 133 -7.05 8.20 -16.32
C ALA D 133 -5.59 8.23 -15.87
N TYR D 134 -4.76 8.94 -16.64
CA TYR D 134 -3.34 9.03 -16.32
C TYR D 134 -3.15 9.62 -14.93
N SER D 135 -2.23 9.01 -14.17
CA SER D 135 -2.02 9.37 -12.77
C SER D 135 -0.55 9.67 -12.54
N LEU D 136 -0.30 10.82 -11.90
CA LEU D 136 1.04 11.14 -11.38
C LEU D 136 1.01 10.84 -9.88
N GLY D 137 1.22 9.58 -9.55
CA GLY D 137 1.16 9.13 -8.18
C GLY D 137 -0.11 8.32 -7.92
N LYS D 138 0.05 7.24 -7.16
CA LYS D 138 -1.06 6.39 -6.75
C LYS D 138 -0.67 5.70 -5.46
N PRO D 139 -1.64 5.28 -4.63
CA PRO D 139 -1.29 4.62 -3.37
C PRO D 139 -0.39 3.41 -3.54
N SER D 140 -0.77 2.46 -4.40
CA SER D 140 0.02 1.25 -4.59
C SER D 140 1.46 1.58 -5.02
N VAL D 141 1.61 2.57 -5.90
CA VAL D 141 2.94 2.92 -6.40
C VAL D 141 3.78 3.53 -5.28
N TYR D 142 3.23 4.53 -4.59
CA TYR D 142 3.94 5.16 -3.48
C TYR D 142 4.34 4.14 -2.42
N ARG D 143 3.47 3.18 -2.14
CA ARG D 143 3.78 2.19 -1.12
C ARG D 143 4.79 1.15 -1.60
N ARG D 144 4.81 0.85 -2.90
CA ARG D 144 5.90 0.05 -3.45
C ARG D 144 7.24 0.77 -3.26
N LEU D 145 7.26 2.06 -3.56
CA LEU D 145 8.50 2.83 -3.43
C LEU D 145 8.84 3.16 -1.98
N ASP D 146 8.00 2.79 -1.02
CA ASP D 146 8.37 2.88 0.39
C ASP D 146 9.53 1.94 0.73
N SER D 147 9.74 0.90 -0.08
CA SER D 147 10.75 -0.12 0.18
C SER D 147 12.10 0.42 -0.24
N LYS D 148 12.88 0.92 0.73
CA LYS D 148 14.20 1.44 0.40
C LYS D 148 15.14 0.34 -0.04
N GLU D 149 14.92 -0.89 0.46
CA GLU D 149 15.74 -2.02 0.05
C GLU D 149 15.60 -2.29 -1.44
N GLU D 150 14.36 -2.26 -1.96
CA GLU D 150 14.16 -2.43 -3.40
C GLU D 150 14.77 -1.28 -4.18
N GLN D 151 14.71 -0.07 -3.62
CA GLN D 151 15.35 1.08 -4.27
C GLN D 151 16.84 0.82 -4.45
N LEU D 152 17.52 0.42 -3.38
CA LEU D 152 18.96 0.19 -3.47
C LEU D 152 19.28 -0.98 -4.39
N LYS D 153 18.47 -2.04 -4.35
CA LYS D 153 18.71 -3.19 -5.21
C LYS D 153 18.54 -2.82 -6.68
N ILE D 154 17.48 -2.07 -7.01
CA ILE D 154 17.24 -1.68 -8.39
C ILE D 154 18.33 -0.72 -8.86
N ALA D 155 18.78 0.18 -7.97
CA ALA D 155 19.86 1.09 -8.35
C ALA D 155 21.16 0.34 -8.60
N ASP D 156 21.45 -0.68 -7.78
CA ASP D 156 22.64 -1.49 -8.01
C ASP D 156 22.53 -2.25 -9.33
N LYS D 157 21.35 -2.77 -9.64
CA LYS D 157 21.14 -3.47 -10.91
C LYS D 157 21.32 -2.51 -12.09
N ILE D 158 20.87 -1.26 -11.94
CA ILE D 158 20.99 -0.29 -13.02
C ILE D 158 22.45 0.08 -13.26
N GLY D 159 23.27 0.05 -12.22
CA GLY D 159 24.66 0.45 -12.30
C GLY D 159 25.05 1.57 -11.35
N PHE D 160 24.12 2.07 -10.55
CA PHE D 160 24.44 3.10 -9.58
C PHE D 160 25.42 2.56 -8.53
N LYS D 161 26.29 3.44 -8.07
CA LYS D 161 27.09 3.14 -6.89
C LYS D 161 26.26 3.43 -5.65
N ILE D 162 26.13 2.44 -4.77
CA ILE D 162 25.38 2.62 -3.53
C ILE D 162 26.32 2.31 -2.37
N PRO D 163 26.11 2.91 -1.20
CA PRO D 163 26.97 2.59 -0.05
C PRO D 163 26.74 1.15 0.39
N ALA D 164 27.76 0.61 1.07
CA ALA D 164 27.58 -0.66 1.76
C ALA D 164 26.45 -0.52 2.77
N THR D 165 25.55 -1.50 2.79
CA THR D 165 24.32 -1.38 3.55
C THR D 165 24.04 -2.68 4.29
N CYS D 166 23.53 -2.55 5.52
CA CYS D 166 23.03 -3.68 6.29
C CYS D 166 21.79 -3.22 7.03
N VAL D 167 20.63 -3.77 6.66
CA VAL D 167 19.38 -3.50 7.34
C VAL D 167 19.05 -4.70 8.22
N THR D 168 18.96 -4.49 9.53
CA THR D 168 18.78 -5.67 10.37
C THR D 168 18.30 -5.30 11.77
N ASN D 169 17.80 -6.33 12.45
CA ASN D 169 17.56 -6.33 13.89
C ASN D 169 18.51 -7.26 14.62
N ASN D 170 19.48 -7.84 13.92
CA ASN D 170 20.41 -8.81 14.51
C ASN D 170 21.64 -8.07 15.00
N PRO D 171 21.90 -8.04 16.32
CA PRO D 171 23.03 -7.23 16.82
C PRO D 171 24.39 -7.67 16.31
N GLU D 172 24.64 -8.98 16.21
CA GLU D 172 25.96 -9.44 15.81
C GLU D 172 26.23 -9.21 14.33
N GLU D 173 25.20 -9.29 13.48
CA GLU D 173 25.36 -8.92 12.08
C GLU D 173 25.75 -7.46 11.95
N ALA D 174 25.07 -6.59 12.70
CA ALA D 174 25.42 -5.17 12.70
C ALA D 174 26.84 -4.97 13.22
N LYS D 175 27.25 -5.74 14.23
CA LYS D 175 28.60 -5.60 14.76
C LYS D 175 29.65 -5.98 13.72
N ARG D 176 29.42 -7.09 13.01
CA ARG D 176 30.34 -7.49 11.96
C ARG D 176 30.40 -6.43 10.86
N PHE D 177 29.24 -5.89 10.47
CA PHE D 177 29.23 -4.83 9.45
C PHE D 177 29.98 -3.60 9.94
N ILE D 178 29.86 -3.27 11.22
CA ILE D 178 30.47 -2.06 11.76
C ILE D 178 31.99 -2.24 11.93
N VAL D 179 32.45 -3.46 12.16
CA VAL D 179 33.90 -3.64 12.26
C VAL D 179 34.53 -3.78 10.88
N LYS D 180 33.85 -4.41 9.92
CA LYS D 180 34.40 -4.50 8.57
C LYS D 180 34.41 -3.13 7.89
N HIS D 181 33.31 -2.40 8.00
CA HIS D 181 33.20 -1.04 7.51
C HIS D 181 33.37 -0.09 8.69
N ARG D 182 34.48 0.63 8.72
CA ARG D 182 34.86 1.35 9.93
C ARG D 182 34.00 2.59 10.16
N ASP D 183 33.85 3.43 9.13
CA ASP D 183 33.03 4.64 9.23
C ASP D 183 31.62 4.30 8.76
N VAL D 184 30.67 4.24 9.70
CA VAL D 184 29.30 3.79 9.41
C VAL D 184 28.31 4.74 10.07
N VAL D 185 27.24 5.05 9.34
CA VAL D 185 26.14 5.86 9.82
C VAL D 185 24.90 4.99 9.98
N ALA D 186 24.03 5.38 10.91
CA ALA D 186 22.78 4.68 11.17
C ALA D 186 21.61 5.51 10.65
N LYS D 187 20.54 4.82 10.27
CA LYS D 187 19.44 5.44 9.56
C LYS D 187 18.12 4.74 9.86
N MET D 188 17.06 5.53 9.95
CA MET D 188 15.70 5.03 10.02
C MET D 188 15.10 5.02 8.63
N GLN D 189 14.29 4.00 8.34
CA GLN D 189 13.61 3.94 7.06
C GLN D 189 12.37 4.82 7.03
N THR D 190 11.74 5.05 8.17
CA THR D 190 10.55 5.86 8.28
C THR D 190 10.83 7.18 8.99
N GLY D 191 9.95 8.14 8.76
CA GLY D 191 9.96 9.40 9.49
C GLY D 191 8.94 9.34 10.64
N PHE D 192 9.32 9.93 11.77
CA PHE D 192 8.50 9.87 12.97
C PHE D 192 9.00 10.92 13.95
N ALA D 193 8.07 11.54 14.66
CA ALA D 193 8.39 12.47 15.74
C ALA D 193 7.95 11.86 17.06
N ILE D 194 8.85 11.84 18.04
CA ILE D 194 8.55 11.36 19.39
C ILE D 194 8.45 12.55 20.32
N TYR D 195 7.40 12.60 21.12
CA TYR D 195 7.11 13.73 21.99
C TYR D 195 7.63 13.48 23.39
N GLU D 196 8.45 14.42 23.88
CA GLU D 196 8.97 14.39 25.25
C GLU D 196 8.96 15.81 25.79
N ASP D 197 8.23 16.03 26.88
CA ASP D 197 8.08 17.36 27.49
C ASP D 197 7.43 18.34 26.51
N GLY D 198 6.51 17.84 25.69
CA GLY D 198 5.93 18.64 24.64
C GLY D 198 6.87 19.01 23.52
N VAL D 199 8.09 18.49 23.53
CA VAL D 199 9.09 18.75 22.50
C VAL D 199 9.07 17.61 21.51
N GLU D 200 9.26 17.93 20.24
CA GLU D 200 9.28 16.93 19.17
C GLU D 200 10.73 16.60 18.84
N ASN D 201 11.16 15.39 19.17
CA ASN D 201 12.50 14.92 18.85
C ASN D 201 12.43 13.86 17.76
N VAL D 202 13.46 13.86 16.91
CA VAL D 202 13.54 13.00 15.74
C VAL D 202 14.97 12.46 15.62
N VAL D 203 15.14 11.53 14.69
CA VAL D 203 16.39 10.78 14.54
C VAL D 203 16.98 11.07 13.17
N PHE D 204 18.01 11.91 13.13
CA PHE D 204 18.72 12.17 11.88
C PHE D 204 19.61 10.98 11.52
N THR D 205 20.34 11.12 10.42
CA THR D 205 21.43 10.21 10.11
C THR D 205 22.62 10.57 10.99
N ASN D 206 23.06 9.64 11.83
CA ASN D 206 24.16 9.85 12.75
C ASN D 206 25.23 8.82 12.50
N VAL D 207 26.50 9.24 12.62
CA VAL D 207 27.61 8.29 12.57
C VAL D 207 27.55 7.41 13.81
N VAL D 208 27.91 6.14 13.63
CA VAL D 208 27.89 5.18 14.73
C VAL D 208 29.20 5.27 15.48
N ASN D 209 29.14 5.66 16.75
CA ASN D 209 30.33 5.66 17.61
C ASN D 209 30.87 4.23 17.70
N GLU D 210 32.14 4.06 17.33
CA GLU D 210 32.72 2.74 17.19
C GLU D 210 33.11 2.11 18.52
N ASP D 211 33.06 2.85 19.62
CA ASP D 211 33.13 2.27 20.95
C ASP D 211 31.75 1.89 21.46
N LYS D 212 30.72 2.58 21.00
CA LYS D 212 29.35 2.43 21.48
C LYS D 212 28.69 1.24 20.78
N LEU D 213 29.35 0.08 20.78
CA LEU D 213 28.82 -1.10 20.13
C LEU D 213 28.22 -2.09 21.13
N GLU D 214 28.52 -1.88 22.42
CA GLU D 214 27.49 -2.11 23.41
C GLU D 214 26.30 -1.22 23.08
N GLU D 215 25.17 -1.51 23.73
CA GLU D 215 23.88 -0.86 23.55
C GLU D 215 23.24 -1.21 22.22
N LEU D 216 23.87 -2.04 21.39
CA LEU D 216 23.20 -2.59 20.23
C LEU D 216 22.33 -3.79 20.58
N ASP D 217 22.35 -4.17 21.87
CA ASP D 217 21.30 -4.96 22.48
C ASP D 217 19.92 -4.56 21.97
N THR D 218 19.61 -3.27 22.14
CA THR D 218 18.38 -2.64 21.69
C THR D 218 17.95 -3.06 20.30
N LEU D 219 18.93 -3.41 19.45
CA LEU D 219 18.65 -3.73 18.06
C LEU D 219 17.63 -4.85 17.89
N LEU D 220 17.47 -5.73 18.90
CA LEU D 220 16.48 -6.80 18.71
C LEU D 220 15.06 -6.25 18.67
N TYR D 221 14.78 -5.18 19.42
CA TYR D 221 13.40 -4.68 19.53
C TYR D 221 12.93 -3.92 18.30
N CYS D 222 13.84 -3.34 17.52
CA CYS D 222 13.47 -2.62 16.32
C CYS D 222 14.68 -2.49 15.39
N PRO D 223 14.56 -2.91 14.13
CA PRO D 223 15.72 -2.89 13.23
C PRO D 223 16.15 -1.48 12.88
N MET D 224 17.30 -1.41 12.21
CA MET D 224 17.81 -0.14 11.70
C MET D 224 18.64 -0.42 10.46
N GLN D 225 18.99 0.65 9.74
CA GLN D 225 19.71 0.56 8.48
C GLN D 225 21.08 1.21 8.66
N PHE D 226 22.14 0.42 8.53
CA PHE D 226 23.50 0.92 8.66
C PHE D 226 24.12 1.03 7.27
N GLN D 227 24.94 2.06 7.09
CA GLN D 227 25.56 2.30 5.78
C GLN D 227 26.99 2.79 5.99
N LYS D 228 27.85 2.47 5.02
CA LYS D 228 29.21 3.01 5.04
C LYS D 228 29.16 4.52 4.89
N LYS D 229 29.80 5.23 5.82
CA LYS D 229 29.79 6.68 5.79
C LYS D 229 30.49 7.20 4.55
N ILE D 230 29.73 7.87 3.68
CA ILE D 230 30.27 8.44 2.46
C ILE D 230 30.70 9.88 2.76
N GLU D 231 31.97 10.18 2.49
CA GLU D 231 32.45 11.55 2.63
C GLU D 231 31.81 12.41 1.55
N LYS D 232 31.32 13.58 1.93
CA LYS D 232 30.49 14.42 1.05
C LYS D 232 31.32 15.56 0.49
N LYS D 233 31.82 15.39 -0.73
CA LYS D 233 32.33 16.52 -1.49
C LYS D 233 31.19 17.47 -1.84
N LYS D 234 30.04 16.93 -2.22
CA LYS D 234 28.82 17.70 -2.39
C LYS D 234 27.64 16.74 -2.29
N GLU D 235 26.45 17.31 -2.17
CA GLU D 235 25.22 16.52 -2.09
C GLU D 235 24.26 17.00 -3.16
N LEU D 236 23.61 16.06 -3.84
CA LEU D 236 22.80 16.35 -5.01
C LEU D 236 21.35 15.98 -4.76
N ARG D 237 20.46 16.86 -5.20
CA ARG D 237 19.02 16.59 -5.26
C ARG D 237 18.57 16.76 -6.71
N ILE D 238 18.03 15.69 -7.29
CA ILE D 238 17.67 15.64 -8.70
C ILE D 238 16.17 15.44 -8.79
N THR D 239 15.47 16.46 -9.28
CA THR D 239 14.02 16.40 -9.45
C THR D 239 13.71 16.05 -10.90
N VAL D 240 13.04 14.93 -11.12
CA VAL D 240 12.72 14.44 -12.45
C VAL D 240 11.21 14.54 -12.64
N VAL D 241 10.82 15.23 -13.71
CA VAL D 241 9.43 15.41 -14.11
C VAL D 241 9.32 14.86 -15.53
N GLY D 242 8.77 13.65 -15.66
CA GLY D 242 8.74 13.00 -16.96
C GLY D 242 10.14 12.64 -17.43
N ARG D 243 10.64 13.35 -18.44
CA ARG D 243 12.02 13.23 -18.89
C ARG D 243 12.82 14.50 -18.65
N ASP D 244 12.24 15.48 -17.96
CA ASP D 244 12.96 16.69 -17.57
C ASP D 244 13.68 16.45 -16.26
N VAL D 245 14.95 16.85 -16.19
CA VAL D 245 15.83 16.53 -15.08
C VAL D 245 16.45 17.84 -14.57
N TYR D 246 16.03 18.27 -13.37
CA TYR D 246 16.59 19.46 -12.73
C TYR D 246 17.48 19.00 -11.58
N ALA D 247 18.79 19.19 -11.74
CA ALA D 247 19.75 18.77 -10.73
C ALA D 247 20.25 19.98 -9.95
N PHE D 248 20.30 19.86 -8.63
CA PHE D 248 20.78 20.91 -7.75
C PHE D 248 21.83 20.33 -6.81
N GLU D 249 22.78 21.18 -6.41
CA GLU D 249 23.87 20.79 -5.56
C GLU D 249 23.90 21.64 -4.29
N ILE D 250 24.47 21.07 -3.24
CA ILE D 250 24.69 21.78 -1.98
C ILE D 250 26.02 21.32 -1.40
N ASP D 251 26.69 22.23 -0.71
CA ASP D 251 27.91 21.90 0.01
C ASP D 251 27.53 21.71 1.47
N SER D 252 27.43 20.46 1.89
CA SER D 252 26.93 20.14 3.22
C SER D 252 27.99 20.27 4.32
N GLN D 253 29.27 20.17 3.98
CA GLN D 253 30.34 20.04 4.95
C GLN D 253 30.89 21.39 5.44
N GLN D 254 30.09 22.45 5.39
CA GLN D 254 30.47 23.74 5.94
C GLN D 254 29.70 24.09 7.20
N SER D 255 28.78 23.24 7.63
CA SER D 255 28.11 23.35 8.91
C SER D 255 28.39 22.08 9.69
N GLU D 256 28.95 22.23 10.89
CA GLU D 256 29.23 21.06 11.72
C GLU D 256 27.95 20.32 12.12
N ALA D 257 26.81 20.99 12.06
CA ALA D 257 25.54 20.32 12.30
C ALA D 257 25.07 19.56 11.05
N ALA D 258 25.18 20.18 9.89
CA ALA D 258 24.71 19.59 8.63
C ALA D 258 25.73 18.68 7.99
N LYS D 259 26.77 18.27 8.71
CA LYS D 259 27.86 17.53 8.08
C LYS D 259 27.53 16.06 7.88
N THR D 260 26.73 15.47 8.78
CA THR D 260 26.26 14.10 8.60
C THR D 260 24.85 14.03 8.03
N ASP D 261 24.05 15.07 8.21
CA ASP D 261 22.71 15.13 7.65
C ASP D 261 22.39 16.60 7.38
N TRP D 262 22.31 16.97 6.11
CA TRP D 262 22.12 18.38 5.78
C TRP D 262 20.77 18.91 6.28
N ARG D 263 19.77 18.03 6.39
CA ARG D 263 18.47 18.46 6.88
C ARG D 263 18.54 18.98 8.31
N LYS D 264 19.54 18.55 9.07
CA LYS D 264 19.74 19.07 10.43
C LYS D 264 19.98 20.57 10.43
N ASP D 265 20.45 21.14 9.32
CA ASP D 265 20.56 22.58 9.15
C ASP D 265 19.73 23.06 7.96
N GLY D 266 18.71 22.30 7.58
CA GLY D 266 18.04 22.52 6.30
C GLY D 266 17.57 23.95 6.10
N ILE D 267 16.91 24.52 7.11
CA ILE D 267 16.32 25.84 6.95
C ILE D 267 17.39 26.90 6.67
N ASN D 268 18.62 26.69 7.16
CA ASN D 268 19.68 27.63 6.82
C ASN D 268 20.24 27.34 5.43
N LEU D 269 20.31 26.08 5.04
CA LEU D 269 20.82 25.69 3.74
C LEU D 269 19.75 25.67 2.66
N ILE D 270 18.52 26.07 2.99
CA ILE D 270 17.42 25.94 2.05
C ILE D 270 17.59 26.85 0.83
N ASP D 271 18.33 27.95 0.96
CA ASP D 271 18.55 28.86 -0.16
C ASP D 271 19.98 28.84 -0.66
N LYS D 272 20.84 27.99 -0.11
CA LYS D 272 22.21 27.86 -0.57
C LYS D 272 22.37 26.84 -1.69
N TRP D 273 21.29 26.22 -2.14
CA TRP D 273 21.38 25.23 -3.21
C TRP D 273 21.70 25.90 -4.54
N ILE D 274 22.49 25.20 -5.35
CA ILE D 274 22.99 25.74 -6.61
C ILE D 274 22.64 24.77 -7.74
N PRO D 275 22.17 25.25 -8.90
CA PRO D 275 21.96 24.35 -10.03
C PRO D 275 23.26 23.71 -10.48
N THR D 276 23.16 22.45 -10.91
CA THR D 276 24.31 21.70 -11.39
C THR D 276 23.91 20.91 -12.63
N GLU D 277 24.92 20.32 -13.28
CA GLU D 277 24.71 19.47 -14.45
C GLU D 277 25.34 18.12 -14.18
N LEU D 278 24.57 17.05 -14.39
CA LEU D 278 25.06 15.72 -14.11
C LEU D 278 25.88 15.18 -15.27
N PRO D 279 26.80 14.27 -15.01
CA PRO D 279 27.39 13.48 -16.10
C PRO D 279 26.31 12.71 -16.83
N GLN D 280 26.50 12.52 -18.14
CA GLN D 280 25.43 11.97 -18.96
C GLN D 280 25.08 10.55 -18.57
N ASP D 281 26.05 9.77 -18.06
CA ASP D 281 25.74 8.42 -17.63
C ASP D 281 24.86 8.42 -16.39
N ILE D 282 25.12 9.35 -15.45
CA ILE D 282 24.29 9.45 -14.26
C ILE D 282 22.86 9.84 -14.64
N GLU D 283 22.72 10.77 -15.58
CA GLU D 283 21.38 11.19 -16.02
C GLU D 283 20.65 10.06 -16.73
N PHE D 284 21.34 9.32 -17.59
CA PHE D 284 20.73 8.18 -18.25
C PHE D 284 20.28 7.14 -17.23
N MET D 285 21.10 6.90 -16.19
CA MET D 285 20.73 5.93 -15.17
C MET D 285 19.55 6.41 -14.32
N ILE D 286 19.45 7.71 -14.08
CA ILE D 286 18.30 8.24 -13.34
C ILE D 286 17.01 8.06 -14.15
N LEU D 287 17.08 8.42 -15.44
CA LEU D 287 15.93 8.21 -16.31
C LEU D 287 15.56 6.74 -16.39
N GLU D 288 16.57 5.85 -16.37
CA GLU D 288 16.30 4.42 -16.39
C GLU D 288 15.67 3.95 -15.10
N LEU D 289 16.06 4.54 -13.97
CA LEU D 289 15.40 4.25 -12.69
C LEU D 289 13.92 4.59 -12.77
N LEU D 290 13.60 5.78 -13.28
CA LEU D 290 12.19 6.14 -13.42
C LEU D 290 11.46 5.26 -14.42
N ASP D 291 12.18 4.78 -15.45
CA ASP D 291 11.57 3.85 -16.40
C ASP D 291 11.26 2.51 -15.75
N VAL D 292 12.19 2.01 -14.93
CA VAL D 292 11.99 0.74 -14.25
C VAL D 292 10.80 0.84 -13.30
N TYR D 293 10.73 1.92 -12.53
CA TYR D 293 9.58 2.10 -11.65
C TYR D 293 8.32 2.53 -12.40
N HIS D 294 8.45 3.02 -13.63
CA HIS D 294 7.32 3.44 -14.45
C HIS D 294 6.54 4.58 -13.79
N VAL D 295 7.28 5.58 -13.33
CA VAL D 295 6.70 6.79 -12.76
C VAL D 295 7.29 7.99 -13.47
N ASP D 296 6.56 9.10 -13.43
CA ASP D 296 6.97 10.32 -14.12
C ASP D 296 7.39 11.43 -13.16
N TYR D 297 7.52 11.14 -11.87
CA TYR D 297 8.07 12.10 -10.93
C TYR D 297 9.02 11.39 -9.97
N GLY D 298 10.09 12.09 -9.59
CA GLY D 298 11.00 11.55 -8.60
C GLY D 298 11.89 12.63 -8.03
N ALA D 299 12.30 12.43 -6.77
CA ALA D 299 13.28 13.30 -6.12
C ALA D 299 14.43 12.41 -5.63
N ILE D 300 15.54 12.40 -6.36
CA ILE D 300 16.64 11.49 -6.08
C ILE D 300 17.72 12.23 -5.30
N ASP D 301 18.05 11.71 -4.13
CA ASP D 301 19.15 12.21 -3.31
C ASP D 301 20.38 11.38 -3.57
N MET D 302 21.50 12.06 -3.89
CA MET D 302 22.78 11.43 -4.14
C MET D 302 23.87 12.17 -3.39
N ILE D 303 25.03 11.52 -3.26
CA ILE D 303 26.20 12.10 -2.60
C ILE D 303 27.40 11.94 -3.52
N VAL D 304 28.08 13.05 -3.82
CA VAL D 304 29.31 13.03 -4.59
C VAL D 304 30.48 13.13 -3.60
N SER D 305 31.32 12.10 -3.57
CA SER D 305 32.44 11.97 -2.65
C SER D 305 33.66 12.70 -3.18
N PRO D 306 34.64 13.00 -2.32
CA PRO D 306 35.84 13.73 -2.78
C PRO D 306 36.50 13.13 -4.01
N GLU D 307 36.51 11.81 -4.13
CA GLU D 307 37.07 11.14 -5.30
C GLU D 307 36.16 11.23 -6.52
N ASP D 308 35.12 12.06 -6.45
CA ASP D 308 34.20 12.34 -7.57
C ASP D 308 33.37 11.12 -7.95
N GLU D 309 32.98 10.31 -6.97
CA GLU D 309 32.12 9.16 -7.20
C GLU D 309 30.69 9.53 -6.83
N TYR D 310 29.76 9.21 -7.72
CA TYR D 310 28.35 9.53 -7.53
C TYR D 310 27.66 8.34 -6.87
N TYR D 311 27.14 8.56 -5.66
CA TYR D 311 26.49 7.51 -4.88
C TYR D 311 25.00 7.75 -4.82
N PHE D 312 24.22 6.78 -5.31
CA PHE D 312 22.77 6.84 -5.15
C PHE D 312 22.41 6.59 -3.69
N ILE D 313 21.64 7.51 -3.11
CA ILE D 313 21.18 7.39 -1.74
C ILE D 313 19.70 7.01 -1.68
N GLU D 314 18.85 7.77 -2.36
CA GLU D 314 17.42 7.49 -2.22
C GLU D 314 16.65 8.10 -3.39
N ILE D 315 15.47 7.53 -3.66
CA ILE D 315 14.47 8.15 -4.53
C ILE D 315 13.19 8.33 -3.73
N ASN D 316 12.69 9.56 -3.68
CA ASN D 316 11.42 9.89 -3.06
C ASN D 316 10.38 10.03 -4.17
N ALA D 317 9.37 9.16 -4.13
CA ALA D 317 8.35 9.15 -5.17
C ALA D 317 7.43 10.36 -5.10
N ALA D 318 7.38 11.04 -3.95
CA ALA D 318 6.50 12.19 -3.77
C ALA D 318 7.25 13.34 -3.11
N GLY D 319 8.54 13.48 -3.41
CA GLY D 319 9.36 14.45 -2.72
C GLY D 319 8.94 15.88 -2.99
N GLU D 320 9.41 16.78 -2.12
CA GLU D 320 9.20 18.20 -2.32
C GLU D 320 10.05 18.71 -3.48
N PHE D 321 9.54 19.76 -4.14
CA PHE D 321 10.27 20.40 -5.22
C PHE D 321 10.23 21.92 -5.14
N PHE D 322 9.37 22.51 -4.30
CA PHE D 322 9.09 23.94 -4.39
C PHE D 322 10.32 24.78 -4.06
N TRP D 323 11.13 24.35 -3.09
CA TRP D 323 12.26 25.17 -2.67
C TRP D 323 13.36 25.20 -3.74
N LEU D 324 13.50 24.11 -4.50
CA LEU D 324 14.39 24.14 -5.65
C LEU D 324 13.73 24.81 -6.85
N ASP D 325 12.41 24.61 -6.99
CA ASP D 325 11.67 25.24 -8.08
C ASP D 325 11.74 26.76 -7.99
N ASN D 326 11.84 27.30 -6.78
CA ASN D 326 11.95 28.74 -6.60
C ASN D 326 13.37 29.26 -6.81
N LEU D 327 14.34 28.37 -6.98
CA LEU D 327 15.69 28.77 -7.35
C LEU D 327 15.91 28.81 -8.85
N THR D 328 14.97 28.27 -9.63
CA THR D 328 14.99 28.42 -11.08
C THR D 328 14.40 29.78 -11.45
N GLU D 329 14.31 30.03 -12.76
CA GLU D 329 13.74 31.28 -13.26
C GLU D 329 12.30 31.02 -13.69
N GLU D 330 11.36 31.65 -12.98
CA GLU D 330 9.94 31.56 -13.27
C GLU D 330 9.41 30.13 -13.10
N ASN D 331 9.89 29.44 -12.06
CA ASN D 331 9.33 28.17 -11.60
C ASN D 331 9.27 27.14 -12.73
N ARG D 332 10.46 26.75 -13.18
CA ARG D 332 10.55 25.82 -14.31
C ARG D 332 10.03 24.44 -13.95
N ILE D 333 10.24 23.99 -12.71
CA ILE D 333 9.78 22.65 -12.32
C ILE D 333 8.26 22.61 -12.25
N SER D 334 7.63 23.65 -11.70
CA SER D 334 6.18 23.72 -11.71
C SER D 334 5.63 23.76 -13.13
N LYS D 335 6.31 24.48 -14.02
CA LYS D 335 5.91 24.51 -15.42
C LYS D 335 6.00 23.12 -16.05
N SER D 336 7.09 22.40 -15.77
CA SER D 336 7.23 21.04 -16.31
C SER D 336 6.14 20.12 -15.77
N ILE D 337 5.81 20.25 -14.49
CA ILE D 337 4.75 19.42 -13.91
C ILE D 337 3.42 19.75 -14.57
N ALA D 338 3.13 21.04 -14.76
CA ALA D 338 1.88 21.42 -15.42
C ALA D 338 1.81 20.89 -16.84
N ASP D 339 2.93 20.94 -17.56
CA ASP D 339 2.95 20.41 -18.93
C ASP D 339 2.75 18.89 -18.94
N LEU D 340 3.34 18.20 -17.97
CA LEU D 340 3.16 16.75 -17.88
C LEU D 340 1.71 16.39 -17.56
N LEU D 341 1.08 17.17 -16.69
CA LEU D 341 -0.31 16.87 -16.31
C LEU D 341 -1.27 17.21 -17.44
N CYS D 342 -0.98 18.27 -18.21
CA CYS D 342 -1.81 18.67 -19.33
C CYS D 342 -1.50 17.91 -20.61
N ASP D 343 -0.66 16.88 -20.53
CA ASP D 343 -0.33 16.01 -21.66
C ASP D 343 0.39 16.75 -22.78
N LYS D 344 1.15 17.80 -22.44
CA LYS D 344 1.98 18.50 -23.40
C LYS D 344 3.43 18.05 -23.35
N ALA D 345 3.73 16.98 -22.61
CA ALA D 345 5.06 16.43 -22.47
C ALA D 345 4.99 14.92 -22.51
N PRO D 346 6.05 14.25 -22.97
CA PRO D 346 6.02 12.79 -23.05
C PRO D 346 5.82 12.14 -21.68
N ARG D 347 4.96 11.12 -21.64
CA ARG D 347 4.60 10.45 -20.42
C ARG D 347 5.01 8.97 -20.46
N ARG D 348 5.15 8.39 -19.28
CA ARG D 348 5.16 6.94 -19.12
C ARG D 348 3.73 6.53 -18.76
N ASP D 349 2.92 6.38 -19.82
CA ASP D 349 1.48 6.20 -19.66
C ASP D 349 1.14 5.05 -18.73
N ASN D 350 0.31 5.34 -17.73
CA ASN D 350 -0.12 4.35 -16.75
C ASN D 350 -1.64 4.23 -16.66
N ARG D 351 -2.34 4.61 -17.73
CA ARG D 351 -3.79 4.42 -17.77
C ARG D 351 -4.15 2.95 -17.61
N VAL D 352 -5.29 2.70 -17.00
CA VAL D 352 -5.74 1.34 -16.70
C VAL D 352 -6.84 0.98 -17.69
N LEU D 353 -6.51 0.12 -18.65
CA LEU D 353 -7.46 -0.40 -19.63
C LEU D 353 -8.22 0.72 -20.36
N THR E 1 15.44 10.23 10.00
CA THR E 1 14.16 10.89 10.19
C THR E 1 14.27 12.41 10.27
N LEU E 2 13.66 13.09 9.31
CA LEU E 2 13.34 14.51 9.41
C LEU E 2 12.48 14.90 8.23
N LYS E 3 11.67 15.94 8.42
CA LYS E 3 10.73 16.41 7.42
C LYS E 3 10.92 17.90 7.15
N TYR E 4 12.16 18.39 7.18
CA TYR E 4 12.42 19.72 6.62
C TYR E 4 12.25 19.69 5.12
N PRO E 5 12.89 18.79 4.35
CA PRO E 5 12.23 18.27 3.15
C PRO E 5 11.25 17.17 3.55
N SER E 6 9.96 17.49 3.59
CA SER E 6 8.92 16.54 3.99
C SER E 6 8.42 15.87 2.72
N ASP E 7 9.13 14.81 2.31
CA ASP E 7 8.90 14.07 1.07
C ASP E 7 7.89 12.94 1.20
N SER E 8 7.37 12.70 2.39
CA SER E 8 6.31 11.72 2.55
C SER E 8 5.00 12.26 1.95
N ASP E 9 4.22 11.34 1.38
CA ASP E 9 2.92 11.69 0.83
C ASP E 9 1.80 11.62 1.85
N GLU E 10 2.01 10.91 2.96
CA GLU E 10 1.00 10.72 3.98
C GLU E 10 1.29 11.60 5.20
N GLY E 11 0.23 11.94 5.92
CA GLY E 11 0.34 12.76 7.11
C GLY E 11 -0.98 13.33 7.57
#